data_4PTF
#
_entry.id   4PTF
#
_cell.length_a   147.293
_cell.length_b   68.478
_cell.length_c   149.079
_cell.angle_alpha   90.00
_cell.angle_beta   109.60
_cell.angle_gamma   90.00
#
_symmetry.space_group_name_H-M   'C 1 2 1'
#
loop_
_entity.id
_entity.type
_entity.pdbx_description
1 polymer 'DNA polymerase epsilon catalytic subunit A'
2 polymer "5'-D(*AP*TP*CP*CP*TP*CP*CP*CP*CP*TP*AP*(DOC))-3'"
3 polymer "5'-D(*TP*AP*AP*GP*GP*TP*AP*GP*GP*GP*GP*AP*GP*GP*AP*T)-3'"
4 non-polymer "2'-DEOXYCYTIDINE-5'-TRIPHOSPHATE"
5 non-polymer 'CALCIUM ION'
6 non-polymer 'SODIUM ION'
7 non-polymer 1,2-ETHANEDIOL
8 water water
#
loop_
_entity_poly.entity_id
_entity_poly.type
_entity_poly.pdbx_seq_one_letter_code
_entity_poly.pdbx_strand_id
1 'polypeptide(L)'
;GPGGDPHMMFGKKKNNGGSSTARYSAGNKYNTLSNNYALSAQQLLNASKIDDIDSMMGFERYVPPQYNGRFDAKDIDQIP
GRVGWLTNMHATLVSQETLSSGSNGGGNSNDGERVTTNQGISGVDFYFLDEEGGSFKSTVVYDPYFFIACNDESRVNDVE
ELVKKYLESCLKSLQIIRKEDLTMDNHLLGLQKTLIKLSFVNSNQLFEARKLLRPILQDNANNNVQRNIYNVAANGSEKV
DAKHLIEDIREYDVPYHVRVSIDKDIRVGKWYKVTQQGFIEDTRKIAFADPVVMAFDIETTKPPLKFPDSAVDQIMMISY
MIDGEGFLITNREIISEDIEDFEYTPKPEYPGFFTIFNENDEVALLQRFFEHIRDVRPTVISTFNGDFFDWPFIHNRSKI
HGLDMFDEIGFAPDAEGEYKSSYCSHMDCFRWVKRDSYLPQGSQGLKAVTQSKLGYNPIELDPELMTPYAFEKPQHLSEY
SVSDAVATYYLYMKYVHPFIFSLCTIIPLNPDETLRKGTGTLCEMLLMVQAYQHNILLPNKHTDPIERFYDGHLLESETY
VGGHVESLEAGVFRSDLKNEFKIDPSAIDELLQELPEALKFSVEVENKSSVDKVTNFEEIKNQITQKLLELKENNIRNEL
PLIYHVDVASMYPNIMTTNRLQPDSIKAERDCASCDFNRPGKTCARKLKWAWRGEFFPSKMDEYNMIKRALQNETFPNKN
KFSKKKVLTFDELSYADQVIHIKKRLTEYSRKVYHRVKVSEIVEREAIVCQRENPFYVDTVKSFRDRRYEFKGLAKTWKG
NLSKIDPSDKHARDEAKKMIVLYDSLQLAHKVILNSFYGYVMRKGSRWYSMEMAGITCLTGATIIQMARALVERVGRPLE
LDTDGIWCILPKSFPETYFFTLENGKKLYLSYPCSMLNYRVHQKFTNHQYQELKDPLNYIYETHSENTIFFEVDGPYKAM
ILPSSKEEGKGIKKRYAVFNEDGSLAELKGFELKRRGELQLIKNFQSDIFKVFLEGDTLEGCYSAVASVCNRWLDVLDSH
GLMLEDEDLVSLICENRSMSKTLKEYEGQKSTSITTARRLGDFLGEDMVKDKGLQCKYIISSKPFNAPVTERAIPVAIFS
ADIPIKRSFLRRWTLDPSLEDLDIRTIIDWGYYRERLGSAIQKIITIPAALQGVSNPVPRVEHPDWLKRKIATK
;
A
2 'polydeoxyribonucleotide' (DA)(DT)(DC)(DC)(DT)(DC)(DC)(DC)(DC)(DT)(DA)(DOC) P
3 'polydeoxyribonucleotide' (DT)(DA)(DA)(DG)(DG)(DT)(DA)(DG)(DG)(DG)(DG)(DA)(DG)(DG)(DA)(DT) T
#
# COMPACT_ATOMS: atom_id res chain seq x y z
N TYR A 37 -15.09 31.57 -19.27
CA TYR A 37 -15.78 32.20 -20.40
C TYR A 37 -15.27 31.66 -21.74
N ALA A 38 -16.20 31.20 -22.56
CA ALA A 38 -15.92 30.76 -23.94
C ALA A 38 -15.25 29.40 -24.00
N LEU A 39 -14.79 28.89 -22.86
CA LEU A 39 -14.16 27.58 -22.82
C LEU A 39 -15.18 26.49 -22.46
N SER A 40 -16.41 26.89 -22.17
CA SER A 40 -17.48 25.91 -22.11
C SER A 40 -17.66 25.35 -23.51
N ALA A 41 -17.49 26.23 -24.50
CA ALA A 41 -17.54 25.84 -25.90
C ALA A 41 -16.68 24.61 -26.16
N GLN A 42 -15.45 24.66 -25.62
CA GLN A 42 -14.56 23.53 -25.72
C GLN A 42 -15.20 22.26 -25.21
N GLN A 43 -15.47 22.21 -23.90
CA GLN A 43 -15.92 20.99 -23.24
C GLN A 43 -17.20 20.43 -23.82
N LEU A 44 -18.07 21.32 -24.29
CA LEU A 44 -19.31 20.87 -24.88
C LEU A 44 -19.03 20.19 -26.20
N LEU A 45 -17.98 20.65 -26.87
CA LEU A 45 -17.51 20.02 -28.10
C LEU A 45 -16.95 18.65 -27.78
N ASN A 46 -16.16 18.59 -26.71
CA ASN A 46 -15.60 17.34 -26.25
C ASN A 46 -16.66 16.42 -25.67
N ALA A 47 -17.49 16.95 -24.79
CA ALA A 47 -18.55 16.16 -24.18
C ALA A 47 -19.36 15.50 -25.27
N SER A 48 -19.59 16.26 -26.32
CA SER A 48 -20.33 15.80 -27.48
C SER A 48 -19.59 14.67 -28.17
N LYS A 49 -18.28 14.82 -28.32
CA LYS A 49 -17.47 13.78 -28.95
C LYS A 49 -17.58 12.47 -28.19
N ILE A 50 -17.60 12.57 -26.86
CA ILE A 50 -17.72 11.41 -25.99
C ILE A 50 -19.06 10.74 -26.18
N ASP A 51 -20.09 11.55 -26.37
CA ASP A 51 -21.44 11.04 -26.51
C ASP A 51 -21.55 10.14 -27.72
N ASP A 52 -20.75 10.42 -28.75
CA ASP A 52 -20.78 9.61 -29.96
C ASP A 52 -20.03 8.30 -29.72
N ILE A 53 -18.90 8.39 -29.03
CA ILE A 53 -18.17 7.19 -28.64
C ILE A 53 -19.07 6.27 -27.83
N ASP A 54 -19.70 6.83 -26.81
CA ASP A 54 -20.61 6.05 -25.97
C ASP A 54 -21.73 5.39 -26.79
N SER A 55 -22.19 6.08 -27.83
CA SER A 55 -23.26 5.56 -28.66
C SER A 55 -22.75 4.45 -29.55
N MET A 56 -21.53 4.65 -30.07
CA MET A 56 -20.89 3.63 -30.88
C MET A 56 -20.82 2.33 -30.09
N MET A 57 -20.44 2.46 -28.83
CA MET A 57 -20.11 1.30 -28.00
C MET A 57 -21.30 0.79 -27.20
N GLY A 58 -22.43 1.48 -27.27
CA GLY A 58 -23.65 0.90 -26.79
C GLY A 58 -24.26 1.60 -25.60
N PHE A 59 -23.90 2.86 -25.43
CA PHE A 59 -24.49 3.64 -24.36
C PHE A 59 -25.24 4.85 -24.91
N GLU A 60 -26.49 4.65 -25.29
CA GLU A 60 -27.33 5.75 -25.71
C GLU A 60 -27.88 6.41 -24.46
N ARG A 61 -27.79 7.72 -24.39
CA ARG A 61 -28.29 8.47 -23.25
C ARG A 61 -29.78 8.21 -23.07
N TYR A 62 -30.13 7.54 -21.98
CA TYR A 62 -31.50 7.14 -21.73
C TYR A 62 -32.18 8.09 -20.77
N VAL A 63 -33.46 8.36 -21.04
CA VAL A 63 -34.23 9.28 -20.22
C VAL A 63 -35.50 8.60 -19.76
N PRO A 64 -35.75 8.55 -18.45
CA PRO A 64 -36.86 7.77 -17.92
C PRO A 64 -38.21 8.38 -18.22
N PRO A 65 -39.22 7.54 -18.42
CA PRO A 65 -40.59 7.99 -18.71
C PRO A 65 -41.08 9.00 -17.69
N GLN A 66 -41.69 10.09 -18.15
CA GLN A 66 -42.25 11.12 -17.28
C GLN A 66 -43.25 10.51 -16.31
N TYR A 67 -43.17 10.93 -15.05
CA TYR A 67 -44.09 10.45 -14.03
C TYR A 67 -44.09 11.37 -12.81
N ASN A 68 -45.23 12.01 -12.54
CA ASN A 68 -45.32 13.02 -11.47
C ASN A 68 -45.81 12.49 -10.14
N GLY A 69 -45.60 11.20 -9.89
CA GLY A 69 -46.17 10.54 -8.74
C GLY A 69 -45.32 10.53 -7.49
N ARG A 70 -45.87 9.95 -6.43
CA ARG A 70 -45.22 9.94 -5.14
C ARG A 70 -44.85 8.50 -4.82
N PHE A 71 -43.89 7.98 -5.57
CA PHE A 71 -43.51 6.58 -5.49
C PHE A 71 -42.93 6.20 -4.13
N ASP A 72 -43.21 4.99 -3.69
CA ASP A 72 -42.59 4.45 -2.48
C ASP A 72 -41.61 3.36 -2.90
N ALA A 73 -40.36 3.49 -2.45
CA ALA A 73 -39.29 2.55 -2.81
C ALA A 73 -39.73 1.10 -2.65
N LYS A 74 -40.69 0.89 -1.75
CA LYS A 74 -41.36 -0.39 -1.60
C LYS A 74 -41.87 -0.86 -2.95
N ASP A 75 -42.50 0.03 -3.69
CA ASP A 75 -43.19 -0.33 -4.93
C ASP A 75 -42.41 0.04 -6.18
N ILE A 76 -41.11 -0.17 -6.17
CA ILE A 76 -40.27 0.21 -7.30
C ILE A 76 -40.77 -0.36 -8.61
N ASP A 77 -41.21 -1.61 -8.57
CA ASP A 77 -41.62 -2.31 -9.78
C ASP A 77 -42.76 -1.60 -10.47
N GLN A 78 -43.67 -1.05 -9.68
CA GLN A 78 -44.79 -0.27 -10.20
C GLN A 78 -44.32 0.96 -10.99
N ILE A 79 -43.14 1.46 -10.64
CA ILE A 79 -42.64 2.71 -11.22
C ILE A 79 -41.97 2.56 -12.57
N PRO A 80 -42.35 3.42 -13.52
CA PRO A 80 -41.75 3.54 -14.85
C PRO A 80 -40.26 3.93 -14.85
N GLY A 81 -39.42 3.07 -15.42
CA GLY A 81 -38.01 3.37 -15.60
C GLY A 81 -37.17 2.13 -15.80
N ARG A 82 -35.91 2.32 -16.15
CA ARG A 82 -35.04 1.19 -16.46
C ARG A 82 -34.22 0.77 -15.26
N VAL A 83 -34.09 -0.54 -15.06
CA VAL A 83 -33.21 -1.08 -14.02
C VAL A 83 -31.83 -1.47 -14.56
N GLY A 84 -30.78 -0.92 -13.97
CA GLY A 84 -29.43 -1.18 -14.43
C GLY A 84 -28.40 -1.35 -13.32
N TRP A 85 -27.30 -2.03 -13.65
CA TRP A 85 -26.19 -2.20 -12.72
C TRP A 85 -25.17 -1.14 -13.03
N LEU A 86 -24.85 -0.31 -12.03
CA LEU A 86 -24.01 0.85 -12.24
C LEU A 86 -22.58 0.39 -12.35
N THR A 87 -21.95 0.71 -13.47
CA THR A 87 -20.64 0.18 -13.73
C THR A 87 -19.57 1.26 -13.92
N ASN A 88 -19.97 2.52 -13.87
CA ASN A 88 -19.08 3.62 -14.20
C ASN A 88 -19.80 4.95 -14.06
N MET A 89 -19.03 6.03 -13.98
CA MET A 89 -19.58 7.37 -13.82
C MET A 89 -18.50 8.42 -14.11
N HIS A 90 -18.86 9.47 -14.85
CA HIS A 90 -17.91 10.52 -15.25
C HIS A 90 -18.53 11.88 -15.31
N ALA A 91 -17.76 12.91 -14.96
CA ALA A 91 -18.24 14.28 -15.03
C ALA A 91 -18.28 14.78 -16.46
N THR A 92 -19.36 15.45 -16.84
CA THR A 92 -19.53 15.90 -18.20
C THR A 92 -20.25 17.23 -18.19
N LEU A 93 -20.17 17.94 -19.31
CA LEU A 93 -20.94 19.17 -19.47
C LEU A 93 -22.14 18.88 -20.38
N VAL A 94 -23.29 19.46 -20.05
CA VAL A 94 -24.51 19.17 -20.78
C VAL A 94 -25.13 20.43 -21.40
N SER A 95 -25.65 20.28 -22.61
CA SER A 95 -26.32 21.37 -23.32
C SER A 95 -27.74 21.55 -22.82
N GLN A 96 -28.13 22.81 -22.60
CA GLN A 96 -29.52 23.11 -22.27
C GLN A 96 -30.38 22.45 -23.32
N GLU A 97 -31.06 21.38 -22.93
CA GLU A 97 -31.74 20.42 -23.81
C GLU A 97 -31.75 20.76 -25.29
N THR A 117 -27.30 31.87 -18.93
CA THR A 117 -27.22 32.24 -20.34
C THR A 117 -27.13 31.01 -21.23
N ASN A 118 -26.14 30.99 -22.10
CA ASN A 118 -25.84 29.77 -22.86
C ASN A 118 -24.46 29.25 -22.52
N GLN A 119 -24.39 28.51 -21.42
CA GLN A 119 -23.19 27.84 -21.03
C GLN A 119 -23.62 26.48 -20.57
N GLY A 120 -22.69 25.54 -20.57
CA GLY A 120 -23.02 24.18 -20.20
C GLY A 120 -23.53 24.03 -18.79
N ILE A 121 -24.29 22.97 -18.57
CA ILE A 121 -24.70 22.58 -17.23
C ILE A 121 -23.80 21.43 -16.79
N SER A 122 -23.31 21.48 -15.55
CA SER A 122 -22.48 20.40 -15.06
C SER A 122 -23.34 19.28 -14.56
N GLY A 123 -22.91 18.06 -14.84
CA GLY A 123 -23.61 16.87 -14.42
C GLY A 123 -22.72 15.66 -14.60
N VAL A 124 -23.25 14.48 -14.30
CA VAL A 124 -22.49 13.25 -14.39
C VAL A 124 -23.20 12.24 -15.25
N ASP A 125 -22.44 11.57 -16.11
CA ASP A 125 -22.97 10.45 -16.87
C ASP A 125 -22.79 9.18 -16.05
N PHE A 126 -23.86 8.43 -15.84
CA PHE A 126 -23.77 7.16 -15.13
C PHE A 126 -23.98 6.02 -16.10
N TYR A 127 -23.01 5.11 -16.15
CA TYR A 127 -23.01 4.03 -17.13
C TYR A 127 -23.56 2.73 -16.56
N PHE A 128 -24.64 2.23 -17.18
CA PHE A 128 -25.38 1.09 -16.69
C PHE A 128 -25.32 -0.14 -17.60
N LEU A 129 -25.41 -1.31 -17.01
CA LEU A 129 -25.70 -2.52 -17.75
C LEU A 129 -27.07 -3.02 -17.29
N ASP A 130 -27.96 -3.38 -18.22
CA ASP A 130 -29.33 -3.74 -17.81
C ASP A 130 -29.56 -5.26 -17.77
N GLU A 131 -30.69 -5.66 -17.20
CA GLU A 131 -30.95 -7.07 -16.94
C GLU A 131 -31.07 -7.85 -18.25
N GLU A 132 -31.18 -7.13 -19.36
CA GLU A 132 -31.45 -7.75 -20.66
C GLU A 132 -30.20 -7.86 -21.54
N GLY A 133 -29.03 -7.77 -20.92
CA GLY A 133 -27.76 -7.89 -21.64
C GLY A 133 -27.41 -6.67 -22.49
N GLY A 134 -28.11 -5.57 -22.25
CA GLY A 134 -27.84 -4.32 -22.94
C GLY A 134 -27.18 -3.31 -22.04
N SER A 135 -26.93 -2.12 -22.56
CA SER A 135 -26.31 -1.08 -21.78
C SER A 135 -26.91 0.28 -22.10
N PHE A 136 -26.80 1.21 -21.15
CA PHE A 136 -27.32 2.56 -21.34
C PHE A 136 -26.65 3.50 -20.37
N LYS A 137 -26.77 4.79 -20.61
CA LYS A 137 -26.23 5.74 -19.65
C LYS A 137 -27.25 6.81 -19.31
N SER A 138 -27.36 7.10 -18.02
CA SER A 138 -28.26 8.13 -17.56
C SER A 138 -27.47 9.28 -16.97
N THR A 139 -28.01 10.48 -17.08
CA THR A 139 -27.30 11.69 -16.68
C THR A 139 -28.02 12.47 -15.58
N VAL A 140 -27.32 12.72 -14.49
CA VAL A 140 -27.82 13.62 -13.45
C VAL A 140 -27.12 14.95 -13.60
N VAL A 141 -27.83 16.04 -13.39
CA VAL A 141 -27.20 17.36 -13.32
C VAL A 141 -27.41 17.91 -11.92
N TYR A 142 -26.53 18.81 -11.51
CA TYR A 142 -26.44 19.18 -10.12
C TYR A 142 -25.51 20.36 -9.99
N ASP A 143 -26.01 21.47 -9.46
CA ASP A 143 -25.17 22.66 -9.36
C ASP A 143 -24.02 22.49 -8.38
N PRO A 144 -22.79 22.71 -8.85
CA PRO A 144 -21.61 22.80 -8.00
C PRO A 144 -21.77 23.85 -6.89
N TYR A 145 -21.04 23.71 -5.79
CA TYR A 145 -21.15 24.68 -4.70
C TYR A 145 -20.02 24.60 -3.71
N PHE A 146 -19.83 25.70 -2.99
CA PHE A 146 -18.95 25.74 -1.84
C PHE A 146 -19.41 26.84 -0.90
N PHE A 147 -18.78 26.95 0.27
CA PHE A 147 -19.23 27.87 1.31
C PHE A 147 -18.25 28.99 1.64
N ILE A 148 -18.79 30.11 2.09
CA ILE A 148 -18.02 31.14 2.75
C ILE A 148 -18.40 31.14 4.22
N ALA A 149 -17.40 31.20 5.10
CA ALA A 149 -17.67 31.22 6.52
C ALA A 149 -17.27 32.58 7.06
N CYS A 150 -17.88 33.00 8.16
CA CYS A 150 -17.69 34.36 8.67
C CYS A 150 -17.35 34.45 10.14
N ASN A 151 -16.67 35.53 10.49
CA ASN A 151 -16.38 35.85 11.89
C ASN A 151 -17.61 36.31 12.63
N ASP A 152 -18.40 37.18 11.99
CA ASP A 152 -19.54 37.80 12.63
C ASP A 152 -20.87 37.17 12.25
N GLU A 153 -21.43 36.39 13.17
CA GLU A 153 -22.74 35.78 12.96
C GLU A 153 -23.82 36.81 12.62
N SER A 154 -23.71 37.99 13.23
CA SER A 154 -24.76 38.99 13.11
C SER A 154 -24.86 39.58 11.72
N ARG A 155 -23.71 39.93 11.14
CA ARG A 155 -23.69 40.65 9.88
C ARG A 155 -23.72 39.73 8.66
N VAL A 156 -24.40 38.60 8.78
CA VAL A 156 -24.33 37.61 7.70
C VAL A 156 -25.04 38.09 6.45
N ASN A 157 -26.22 38.68 6.59
CA ASN A 157 -26.94 39.16 5.42
C ASN A 157 -26.15 40.24 4.72
N ASP A 158 -25.33 40.95 5.49
CA ASP A 158 -24.46 41.97 4.93
C ASP A 158 -23.57 41.39 3.84
N VAL A 159 -22.85 40.34 4.22
CA VAL A 159 -21.92 39.68 3.29
C VAL A 159 -22.70 39.05 2.16
N GLU A 160 -23.86 38.46 2.47
CA GLU A 160 -24.70 37.86 1.45
C GLU A 160 -24.95 38.83 0.30
N GLU A 161 -25.17 40.11 0.63
CA GLU A 161 -25.46 41.13 -0.38
C GLU A 161 -24.20 41.54 -1.13
N LEU A 162 -23.08 41.63 -0.43
CA LEU A 162 -21.83 41.98 -1.09
C LEU A 162 -21.46 41.01 -2.20
N VAL A 163 -21.38 39.71 -1.87
CA VAL A 163 -20.93 38.73 -2.85
C VAL A 163 -21.96 38.48 -3.95
N LYS A 164 -23.24 38.67 -3.63
CA LYS A 164 -24.27 38.44 -4.63
C LYS A 164 -24.01 39.35 -5.80
N LYS A 165 -23.44 40.52 -5.52
CA LYS A 165 -23.10 41.49 -6.54
C LYS A 165 -21.65 41.38 -7.00
N TYR A 166 -20.72 41.26 -6.06
CA TYR A 166 -19.31 41.16 -6.43
C TYR A 166 -19.07 39.98 -7.37
N LEU A 167 -19.82 38.90 -7.16
CA LEU A 167 -19.59 37.68 -7.92
C LEU A 167 -20.54 37.58 -9.09
N GLU A 168 -21.64 38.34 -9.02
CA GLU A 168 -22.54 38.62 -10.14
C GLU A 168 -22.34 37.85 -11.44
N SER A 169 -21.13 37.96 -11.97
CA SER A 169 -20.76 37.45 -13.29
C SER A 169 -20.77 35.94 -13.43
N CYS A 170 -20.71 35.22 -12.31
CA CYS A 170 -20.54 33.76 -12.36
C CYS A 170 -21.45 33.05 -11.38
N LEU A 171 -21.88 33.73 -10.33
CA LEU A 171 -22.81 33.18 -9.35
C LEU A 171 -24.15 32.83 -9.97
N LYS A 172 -24.72 31.71 -9.56
CA LYS A 172 -26.06 31.32 -10.02
C LYS A 172 -27.08 31.41 -8.89
N SER A 173 -26.61 31.20 -7.68
CA SER A 173 -27.53 31.11 -6.57
C SER A 173 -26.77 31.39 -5.28
N LEU A 174 -27.49 31.41 -4.17
CA LEU A 174 -26.89 31.82 -2.93
C LEU A 174 -27.86 31.47 -1.83
N GLN A 175 -27.36 31.25 -0.63
CA GLN A 175 -28.20 30.66 0.38
C GLN A 175 -27.52 30.55 1.71
N ILE A 176 -28.32 30.40 2.75
CA ILE A 176 -27.78 30.36 4.09
C ILE A 176 -28.05 29.01 4.69
N ILE A 177 -26.99 28.33 5.07
CA ILE A 177 -27.11 26.97 5.55
C ILE A 177 -26.36 26.83 6.84
N ARG A 178 -26.58 25.72 7.53
CA ARG A 178 -25.90 25.49 8.80
C ARG A 178 -25.31 24.11 8.94
N LYS A 179 -24.04 24.09 9.28
CA LYS A 179 -23.34 22.84 9.46
C LYS A 179 -22.65 22.82 10.80
N GLU A 180 -22.48 21.62 11.35
CA GLU A 180 -21.78 21.45 12.59
C GLU A 180 -20.29 21.56 12.32
N ASP A 181 -19.62 22.52 12.97
CA ASP A 181 -18.17 22.65 12.87
C ASP A 181 -17.55 22.20 14.17
N LEU A 182 -16.72 21.18 14.10
CA LEU A 182 -16.12 20.62 15.31
C LEU A 182 -15.00 21.49 15.87
N THR A 183 -14.66 22.54 15.12
CA THR A 183 -13.73 23.57 15.57
C THR A 183 -14.41 24.57 16.50
N MET A 184 -15.72 24.43 16.63
CA MET A 184 -16.57 25.42 17.30
C MET A 184 -17.03 25.02 18.70
N ASP A 185 -16.85 25.93 19.66
CA ASP A 185 -17.20 25.67 21.06
C ASP A 185 -18.65 25.20 21.27
N ASN A 186 -18.82 24.16 22.08
CA ASN A 186 -20.14 23.70 22.49
C ASN A 186 -21.08 23.39 21.32
N HIS A 187 -20.55 22.75 20.28
CA HIS A 187 -21.36 22.26 19.17
C HIS A 187 -22.09 21.01 19.61
N LEU A 188 -21.65 20.45 20.74
CA LEU A 188 -22.27 19.27 21.29
C LEU A 188 -23.59 19.63 21.95
N LEU A 189 -23.77 20.91 22.24
CA LEU A 189 -25.01 21.42 22.85
C LEU A 189 -26.02 21.80 21.76
N GLY A 190 -25.60 21.64 20.50
CA GLY A 190 -26.49 21.80 19.36
C GLY A 190 -26.21 23.00 18.48
N LEU A 191 -25.08 23.66 18.74
CA LEU A 191 -24.74 24.92 18.07
C LEU A 191 -24.07 24.72 16.71
N GLN A 192 -24.60 25.40 15.70
CA GLN A 192 -24.14 25.24 14.34
C GLN A 192 -23.49 26.49 13.83
N LYS A 193 -22.55 26.34 12.91
CA LYS A 193 -21.96 27.48 12.24
C LYS A 193 -22.83 27.86 11.04
N THR A 194 -22.89 29.15 10.75
CA THR A 194 -23.73 29.66 9.68
C THR A 194 -22.90 29.95 8.45
N LEU A 195 -23.33 29.42 7.31
CA LEU A 195 -22.54 29.53 6.11
C LEU A 195 -23.35 30.04 4.93
N ILE A 196 -22.65 30.57 3.94
CA ILE A 196 -23.27 30.99 2.71
C ILE A 196 -22.99 29.96 1.65
N LYS A 197 -24.01 29.23 1.24
CA LYS A 197 -23.89 28.27 0.16
C LYS A 197 -23.89 28.94 -1.21
N LEU A 198 -22.72 28.96 -1.85
CA LEU A 198 -22.56 29.53 -3.17
C LEU A 198 -22.68 28.48 -4.26
N SER A 199 -23.74 28.53 -5.05
CA SER A 199 -23.97 27.55 -6.11
C SER A 199 -23.74 28.14 -7.49
N PHE A 200 -23.41 27.30 -8.47
CA PHE A 200 -23.05 27.78 -9.79
C PHE A 200 -23.63 26.88 -10.89
N VAL A 201 -23.66 27.39 -12.12
CA VAL A 201 -24.17 26.63 -13.25
C VAL A 201 -23.21 25.52 -13.63
N ASN A 202 -21.92 25.84 -13.68
CA ASN A 202 -20.90 24.86 -13.98
C ASN A 202 -19.63 25.09 -13.17
N SER A 203 -18.78 24.07 -13.13
CA SER A 203 -17.53 24.13 -12.40
C SER A 203 -16.61 25.26 -12.85
N ASN A 204 -16.62 25.59 -14.14
CA ASN A 204 -15.91 26.75 -14.65
C ASN A 204 -16.29 28.00 -13.89
N GLN A 205 -17.60 28.20 -13.72
CA GLN A 205 -18.06 29.38 -13.03
C GLN A 205 -17.63 29.36 -11.59
N LEU A 206 -17.60 28.17 -10.99
CA LEU A 206 -17.19 28.00 -9.60
C LEU A 206 -15.73 28.38 -9.44
N PHE A 207 -14.94 28.06 -10.46
CA PHE A 207 -13.51 28.35 -10.44
C PHE A 207 -13.27 29.86 -10.52
N GLU A 208 -14.05 30.54 -11.34
CA GLU A 208 -13.94 31.97 -11.43
C GLU A 208 -14.26 32.62 -10.10
N ALA A 209 -15.30 32.14 -9.43
CA ALA A 209 -15.65 32.71 -8.14
C ALA A 209 -14.46 32.61 -7.20
N ARG A 210 -13.79 31.47 -7.24
CA ARG A 210 -12.60 31.27 -6.42
C ARG A 210 -11.51 32.23 -6.81
N LYS A 211 -11.43 32.52 -8.10
CA LYS A 211 -10.43 33.44 -8.58
C LYS A 211 -10.75 34.83 -8.09
N LEU A 212 -12.04 35.13 -8.01
CA LEU A 212 -12.49 36.45 -7.58
C LEU A 212 -12.33 36.68 -6.09
N LEU A 213 -12.33 35.60 -5.31
CA LEU A 213 -12.22 35.71 -3.86
C LEU A 213 -10.81 35.48 -3.37
N ARG A 214 -9.95 34.95 -4.23
CA ARG A 214 -8.53 34.79 -3.90
C ARG A 214 -8.04 36.11 -3.34
N PRO A 215 -8.17 37.19 -4.13
CA PRO A 215 -7.73 38.52 -3.71
C PRO A 215 -8.24 38.89 -2.32
N ILE A 216 -9.56 39.03 -2.19
CA ILE A 216 -10.18 39.41 -0.92
C ILE A 216 -9.63 38.62 0.25
N LEU A 217 -9.41 37.32 0.04
CA LEU A 217 -9.03 36.45 1.14
C LEU A 217 -7.63 36.75 1.64
N GLN A 218 -6.66 36.87 0.74
CA GLN A 218 -5.30 37.15 1.17
C GLN A 218 -5.23 38.49 1.90
N ASP A 219 -5.76 39.53 1.25
CA ASP A 219 -5.77 40.88 1.79
C ASP A 219 -6.18 40.90 3.26
N ASN A 220 -7.29 40.24 3.58
CA ASN A 220 -7.80 40.20 4.94
C ASN A 220 -6.72 39.86 5.94
N ALA A 221 -6.12 38.70 5.76
CA ALA A 221 -4.95 38.34 6.54
C ALA A 221 -3.72 38.95 5.89
N ARG A 227 -6.07 53.79 8.29
CA ARG A 227 -6.95 54.96 8.24
C ARG A 227 -6.72 55.84 9.46
N ASN A 228 -7.75 56.57 9.89
CA ASN A 228 -7.57 57.48 11.02
C ASN A 228 -7.18 56.70 12.27
N ILE A 229 -5.87 56.70 12.53
CA ILE A 229 -5.29 55.98 13.64
C ILE A 229 -5.87 56.41 14.97
N TYR A 230 -6.58 57.53 14.95
CA TYR A 230 -7.24 58.05 16.14
C TYR A 230 -8.65 57.44 16.26
N ASN A 231 -9.01 56.63 15.27
CA ASN A 231 -10.26 55.87 15.31
C ASN A 231 -10.06 54.54 16.02
N LYS A 239 -18.48 50.30 12.31
CA LYS A 239 -19.15 50.00 11.05
C LYS A 239 -18.15 49.54 10.00
N VAL A 240 -17.74 48.27 10.08
CA VAL A 240 -16.71 47.74 9.19
C VAL A 240 -17.26 47.34 7.83
N ASP A 241 -16.38 47.30 6.83
CA ASP A 241 -16.78 47.01 5.45
C ASP A 241 -17.00 45.52 5.24
N ALA A 242 -17.94 45.19 4.36
CA ALA A 242 -18.43 43.83 4.20
C ALA A 242 -17.34 42.85 3.76
N LYS A 243 -16.23 43.37 3.29
CA LYS A 243 -15.13 42.53 2.82
C LYS A 243 -14.41 41.86 3.97
N HIS A 244 -14.21 42.60 5.06
CA HIS A 244 -13.36 42.10 6.13
C HIS A 244 -13.99 40.96 6.92
N LEU A 245 -15.23 40.62 6.60
CA LEU A 245 -15.94 39.59 7.34
C LEU A 245 -15.80 38.21 6.71
N ILE A 246 -15.42 38.18 5.44
CA ILE A 246 -15.19 36.93 4.75
C ILE A 246 -13.90 36.27 5.22
N GLU A 247 -13.99 35.40 6.22
CA GLU A 247 -12.79 34.82 6.81
C GLU A 247 -12.23 33.65 6.04
N ASP A 248 -13.07 32.91 5.31
CA ASP A 248 -12.60 31.71 4.66
C ASP A 248 -13.66 31.03 3.82
N ILE A 249 -13.23 30.41 2.72
CA ILE A 249 -14.13 29.54 1.96
C ILE A 249 -13.92 28.09 2.37
N ARG A 250 -14.91 27.25 2.09
CA ARG A 250 -14.90 25.87 2.56
C ARG A 250 -15.51 24.93 1.54
N GLU A 251 -15.06 23.69 1.53
CA GLU A 251 -15.52 22.67 0.58
C GLU A 251 -15.47 23.17 -0.86
N TYR A 252 -14.36 23.80 -1.21
CA TYR A 252 -14.16 24.38 -2.53
C TYR A 252 -13.30 23.49 -3.41
N ASP A 253 -12.73 22.44 -2.83
CA ASP A 253 -11.84 21.58 -3.60
C ASP A 253 -12.35 20.17 -3.70
N VAL A 254 -13.63 19.97 -3.43
CA VAL A 254 -14.24 18.67 -3.64
C VAL A 254 -14.43 18.39 -5.13
N PRO A 255 -13.87 17.28 -5.63
CA PRO A 255 -14.05 17.03 -7.06
C PRO A 255 -15.52 16.84 -7.38
N TYR A 256 -15.91 17.32 -8.55
CA TYR A 256 -17.31 17.40 -8.87
C TYR A 256 -18.01 16.06 -8.78
N HIS A 257 -17.48 15.03 -9.43
CA HIS A 257 -18.20 13.78 -9.50
C HIS A 257 -18.32 13.15 -8.13
N VAL A 258 -17.37 13.46 -7.26
CA VAL A 258 -17.41 12.96 -5.90
C VAL A 258 -18.51 13.68 -5.19
N ARG A 259 -18.61 14.97 -5.48
CA ARG A 259 -19.61 15.79 -4.85
C ARG A 259 -20.98 15.26 -5.19
N VAL A 260 -21.13 14.81 -6.42
CA VAL A 260 -22.43 14.34 -6.86
C VAL A 260 -22.75 12.98 -6.27
N SER A 261 -21.74 12.11 -6.23
CA SER A 261 -21.94 10.77 -5.74
C SER A 261 -22.29 10.75 -4.27
N ILE A 262 -21.68 11.63 -3.49
CA ILE A 262 -21.93 11.73 -2.06
C ILE A 262 -23.31 12.33 -1.75
N ASP A 263 -23.57 13.52 -2.26
CA ASP A 263 -24.83 14.22 -2.04
C ASP A 263 -26.02 13.42 -2.53
N LYS A 264 -25.87 12.82 -3.71
CA LYS A 264 -26.91 11.99 -4.31
C LYS A 264 -26.90 10.59 -3.73
N ASP A 265 -25.84 10.24 -3.02
CA ASP A 265 -25.68 8.91 -2.45
C ASP A 265 -25.79 7.82 -3.50
N ILE A 266 -25.02 7.95 -4.56
CA ILE A 266 -24.99 6.97 -5.62
C ILE A 266 -23.61 6.34 -5.67
N ARG A 267 -23.55 5.02 -5.82
CA ARG A 267 -22.32 4.24 -5.84
C ARG A 267 -22.24 3.32 -7.03
N VAL A 268 -21.08 3.22 -7.63
CA VAL A 268 -20.80 2.24 -8.67
C VAL A 268 -20.78 0.86 -8.08
N GLY A 269 -21.40 -0.09 -8.75
CA GLY A 269 -21.41 -1.46 -8.25
C GLY A 269 -22.75 -1.86 -7.70
N LYS A 270 -23.59 -0.86 -7.47
CA LYS A 270 -24.94 -1.05 -6.99
C LYS A 270 -25.95 -1.09 -8.12
N TRP A 271 -27.06 -1.77 -7.89
CA TRP A 271 -28.17 -1.77 -8.82
C TRP A 271 -29.10 -0.59 -8.55
N TYR A 272 -29.64 -0.03 -9.63
CA TYR A 272 -30.52 1.12 -9.51
C TYR A 272 -31.60 1.06 -10.54
N LYS A 273 -32.79 1.52 -10.19
CA LYS A 273 -33.79 1.80 -11.19
C LYS A 273 -33.72 3.28 -11.51
N VAL A 274 -33.46 3.59 -12.76
CA VAL A 274 -33.48 4.96 -13.22
C VAL A 274 -34.89 5.41 -13.48
N THR A 275 -35.39 6.34 -12.67
CA THR A 275 -36.75 6.85 -12.79
C THR A 275 -36.71 8.37 -12.88
N GLN A 276 -37.88 9.01 -12.99
CA GLN A 276 -37.90 10.46 -13.17
C GLN A 276 -37.67 11.18 -11.85
N GLN A 277 -37.93 10.48 -10.75
CA GLN A 277 -37.59 10.97 -9.43
C GLN A 277 -36.07 10.96 -9.21
N GLY A 278 -35.43 9.84 -9.55
CA GLY A 278 -33.99 9.69 -9.43
C GLY A 278 -33.62 8.21 -9.42
N PHE A 279 -32.37 7.89 -9.06
CA PHE A 279 -31.97 6.48 -9.02
C PHE A 279 -32.49 5.78 -7.79
N ILE A 280 -33.25 4.72 -7.99
CA ILE A 280 -33.79 4.01 -6.84
C ILE A 280 -33.07 2.69 -6.68
N GLU A 281 -32.39 2.54 -5.56
CA GLU A 281 -31.57 1.38 -5.33
C GLU A 281 -32.41 0.15 -5.18
N ASP A 282 -32.09 -0.85 -5.97
CA ASP A 282 -32.73 -2.14 -5.82
C ASP A 282 -31.87 -3.01 -4.93
N THR A 283 -32.28 -3.13 -3.66
CA THR A 283 -31.54 -3.91 -2.68
C THR A 283 -31.84 -5.37 -2.82
N ARG A 284 -32.76 -5.70 -3.70
CA ARG A 284 -33.16 -7.09 -3.91
C ARG A 284 -32.05 -7.87 -4.60
N LYS A 285 -31.65 -7.37 -5.77
CA LYS A 285 -30.57 -7.95 -6.55
C LYS A 285 -29.31 -8.19 -5.75
N ILE A 286 -29.00 -9.45 -5.49
CA ILE A 286 -27.66 -9.81 -5.02
C ILE A 286 -26.85 -10.13 -6.26
N ALA A 287 -25.54 -9.91 -6.21
CA ALA A 287 -24.64 -10.28 -7.30
C ALA A 287 -24.58 -9.23 -8.40
N PHE A 288 -23.35 -8.86 -8.80
CA PHE A 288 -23.15 -7.91 -9.87
C PHE A 288 -23.69 -8.45 -11.18
N ALA A 289 -23.62 -7.64 -12.21
CA ALA A 289 -23.86 -8.11 -13.55
C ALA A 289 -22.53 -8.48 -14.14
N ASP A 290 -22.57 -9.19 -15.26
CA ASP A 290 -21.34 -9.68 -15.84
C ASP A 290 -20.94 -8.76 -16.96
N PRO A 291 -20.02 -7.84 -16.70
CA PRO A 291 -19.53 -7.02 -17.80
C PRO A 291 -18.80 -7.87 -18.81
N VAL A 292 -18.39 -7.23 -19.89
CA VAL A 292 -17.59 -7.85 -20.92
C VAL A 292 -16.15 -7.50 -20.66
N VAL A 293 -15.37 -8.47 -20.20
CA VAL A 293 -14.02 -8.17 -19.79
C VAL A 293 -13.03 -8.56 -20.87
N MET A 294 -12.18 -7.62 -21.26
CA MET A 294 -11.07 -7.93 -22.14
C MET A 294 -9.76 -7.60 -21.46
N ALA A 295 -8.77 -8.46 -21.60
CA ALA A 295 -7.43 -8.18 -21.10
C ALA A 295 -6.42 -8.26 -22.22
N PHE A 296 -5.52 -7.31 -22.37
CA PHE A 296 -4.54 -7.42 -23.43
C PHE A 296 -3.12 -7.13 -22.99
N ASP A 297 -2.17 -7.77 -23.69
CA ASP A 297 -0.73 -7.58 -23.50
C ASP A 297 -0.12 -7.49 -24.88
N ILE A 298 0.82 -6.57 -25.07
CA ILE A 298 1.48 -6.49 -26.35
C ILE A 298 2.94 -6.91 -26.25
N GLU A 299 3.50 -7.30 -27.39
CA GLU A 299 4.92 -7.60 -27.49
C GLU A 299 5.49 -6.76 -28.62
N THR A 300 6.66 -6.18 -28.42
CA THR A 300 7.22 -5.34 -29.46
C THR A 300 8.62 -5.79 -29.84
N THR A 301 9.21 -5.07 -30.78
CA THR A 301 10.56 -5.34 -31.16
C THR A 301 11.46 -4.51 -30.26
N LYS A 302 12.54 -5.13 -29.80
CA LYS A 302 13.47 -4.46 -28.94
C LYS A 302 14.77 -4.43 -29.69
N PRO A 303 15.60 -3.42 -29.45
CA PRO A 303 16.99 -3.58 -29.87
C PRO A 303 17.65 -4.58 -28.93
N PRO A 304 18.80 -5.14 -29.32
CA PRO A 304 19.61 -5.81 -28.31
C PRO A 304 20.05 -4.87 -27.18
N LEU A 305 19.78 -5.29 -25.94
CA LEU A 305 20.27 -4.63 -24.73
C LEU A 305 19.59 -3.29 -24.40
N LYS A 306 18.68 -2.84 -25.26
CA LYS A 306 18.05 -1.53 -25.11
C LYS A 306 16.56 -1.61 -24.82
N PHE A 307 15.96 -0.53 -24.34
CA PHE A 307 14.51 -0.47 -24.22
C PHE A 307 13.89 -0.26 -25.58
N PRO A 308 12.67 -0.78 -25.75
CA PRO A 308 11.99 -0.54 -27.02
C PRO A 308 11.78 0.94 -27.23
N ASP A 309 11.53 1.34 -28.47
CA ASP A 309 11.13 2.69 -28.75
C ASP A 309 9.91 2.66 -29.67
N SER A 310 8.82 3.28 -29.21
CA SER A 310 7.61 3.37 -29.99
C SER A 310 7.88 4.09 -31.29
N ALA A 311 8.90 4.95 -31.23
CA ALA A 311 9.36 5.69 -32.39
C ALA A 311 9.73 4.75 -33.54
N VAL A 312 10.55 3.76 -33.25
CA VAL A 312 11.08 2.94 -34.33
C VAL A 312 10.53 1.51 -34.35
N ASP A 313 10.18 0.97 -33.20
CA ASP A 313 9.92 -0.46 -33.13
C ASP A 313 8.47 -0.80 -33.43
N GLN A 314 8.19 -2.08 -33.66
CA GLN A 314 6.86 -2.50 -34.10
C GLN A 314 6.16 -3.45 -33.13
N ILE A 315 4.85 -3.36 -33.09
CA ILE A 315 4.05 -4.26 -32.29
C ILE A 315 3.92 -5.60 -33.00
N MET A 316 4.84 -6.51 -32.70
CA MET A 316 4.87 -7.75 -33.45
C MET A 316 3.70 -8.65 -33.10
N MET A 317 3.13 -8.49 -31.91
CA MET A 317 1.90 -9.21 -31.59
C MET A 317 1.07 -8.49 -30.53
N ILE A 318 -0.19 -8.91 -30.43
CA ILE A 318 -1.08 -8.44 -29.38
C ILE A 318 -1.96 -9.58 -28.95
N SER A 319 -1.69 -10.12 -27.77
CA SER A 319 -2.49 -11.23 -27.27
C SER A 319 -3.49 -10.66 -26.29
N TYR A 320 -4.62 -11.35 -26.12
CA TYR A 320 -5.67 -10.83 -25.28
C TYR A 320 -6.82 -11.80 -25.07
N MET A 321 -7.61 -11.59 -24.02
CA MET A 321 -8.73 -12.47 -23.73
C MET A 321 -10.01 -11.70 -23.54
N ILE A 322 -11.12 -12.31 -23.91
CA ILE A 322 -12.42 -11.70 -23.80
C ILE A 322 -13.43 -12.70 -23.30
N ASP A 323 -13.87 -12.51 -22.08
CA ASP A 323 -14.83 -13.42 -21.45
C ASP A 323 -14.44 -14.88 -21.59
N GLY A 324 -13.16 -15.16 -21.43
CA GLY A 324 -12.69 -16.53 -21.34
C GLY A 324 -12.18 -17.12 -22.64
N GLU A 325 -12.03 -16.29 -23.66
CA GLU A 325 -11.62 -16.77 -24.96
C GLU A 325 -10.43 -16.01 -25.48
N GLY A 326 -9.36 -16.74 -25.73
CA GLY A 326 -8.13 -16.14 -26.20
C GLY A 326 -8.20 -15.67 -27.63
N PHE A 327 -7.38 -14.67 -27.93
CA PHE A 327 -7.13 -14.24 -29.29
C PHE A 327 -5.67 -13.86 -29.39
N LEU A 328 -5.07 -14.09 -30.54
CA LEU A 328 -3.73 -13.61 -30.81
C LEU A 328 -3.76 -12.90 -32.14
N ILE A 329 -3.07 -11.77 -32.21
CA ILE A 329 -3.00 -11.00 -33.43
C ILE A 329 -1.55 -10.81 -33.79
N THR A 330 -1.12 -11.51 -34.82
CA THR A 330 0.27 -11.51 -35.23
C THR A 330 0.50 -10.52 -36.35
N ASN A 331 1.69 -9.94 -36.39
CA ASN A 331 2.09 -9.07 -37.49
C ASN A 331 3.10 -9.80 -38.36
N ARG A 332 2.65 -10.28 -39.52
CA ARG A 332 3.46 -11.17 -40.34
C ARG A 332 4.60 -10.46 -41.06
N GLU A 333 4.70 -9.15 -40.90
CA GLU A 333 5.90 -8.44 -41.31
C GLU A 333 7.01 -8.73 -40.33
N ILE A 334 6.71 -9.57 -39.33
CA ILE A 334 7.68 -9.94 -38.30
C ILE A 334 7.62 -11.42 -37.99
N ILE A 335 6.39 -11.93 -37.85
CA ILE A 335 6.16 -13.33 -37.54
C ILE A 335 6.34 -14.16 -38.81
N SER A 336 7.37 -15.00 -38.82
CA SER A 336 7.77 -15.73 -39.99
C SER A 336 6.72 -16.70 -40.52
N GLU A 337 5.57 -16.82 -39.87
CA GLU A 337 4.56 -17.76 -40.34
C GLU A 337 3.17 -17.58 -39.74
N ASP A 338 2.16 -17.98 -40.50
CA ASP A 338 0.78 -17.96 -40.04
C ASP A 338 0.62 -18.87 -38.82
N ILE A 339 0.48 -18.27 -37.65
CA ILE A 339 0.34 -19.02 -36.41
C ILE A 339 -0.97 -19.78 -36.38
N GLU A 340 -0.98 -20.91 -35.70
CA GLU A 340 -2.15 -21.76 -35.66
C GLU A 340 -2.90 -21.63 -34.33
N ASP A 341 -4.21 -21.80 -34.38
CA ASP A 341 -5.04 -21.88 -33.18
C ASP A 341 -4.53 -23.00 -32.26
N PHE A 342 -4.50 -22.72 -30.96
CA PHE A 342 -4.06 -23.72 -29.98
C PHE A 342 -4.62 -23.50 -28.59
N GLU A 343 -4.51 -24.52 -27.76
CA GLU A 343 -4.96 -24.43 -26.38
C GLU A 343 -3.82 -24.18 -25.42
N TYR A 344 -3.97 -23.15 -24.61
CA TYR A 344 -3.08 -22.91 -23.48
C TYR A 344 -3.90 -22.92 -22.21
N THR A 345 -3.71 -23.94 -21.38
CA THR A 345 -4.52 -24.08 -20.19
C THR A 345 -3.71 -24.56 -19.02
N PRO A 346 -3.09 -23.61 -18.31
CA PRO A 346 -2.22 -23.83 -17.14
C PRO A 346 -2.88 -24.69 -16.08
N LYS A 347 -4.20 -24.59 -15.96
CA LYS A 347 -4.96 -25.43 -15.04
C LYS A 347 -6.38 -25.49 -15.53
N PRO A 348 -7.11 -26.52 -15.12
CA PRO A 348 -8.56 -26.69 -15.35
C PRO A 348 -9.35 -25.41 -15.11
N GLU A 349 -9.12 -24.77 -13.99
CA GLU A 349 -9.81 -23.52 -13.65
C GLU A 349 -9.55 -22.44 -14.69
N TYR A 350 -8.42 -22.54 -15.40
CA TYR A 350 -8.02 -21.50 -16.33
C TYR A 350 -7.95 -21.95 -17.80
N PRO A 351 -9.09 -22.29 -18.39
CA PRO A 351 -9.05 -22.73 -19.79
C PRO A 351 -8.71 -21.57 -20.72
N GLY A 352 -7.93 -21.84 -21.75
CA GLY A 352 -7.53 -20.79 -22.67
C GLY A 352 -7.25 -21.33 -24.05
N PHE A 353 -8.28 -21.36 -24.89
CA PHE A 353 -8.11 -21.66 -26.30
C PHE A 353 -8.03 -20.37 -27.08
N PHE A 354 -7.07 -20.27 -27.98
CA PHE A 354 -6.88 -19.05 -28.72
C PHE A 354 -7.25 -19.17 -30.18
N THR A 355 -7.66 -18.04 -30.76
CA THR A 355 -7.88 -17.91 -32.19
C THR A 355 -6.83 -16.95 -32.70
N ILE A 356 -6.32 -17.19 -33.91
CA ILE A 356 -5.22 -16.38 -34.41
C ILE A 356 -5.68 -15.48 -35.55
N PHE A 357 -5.17 -14.25 -35.56
CA PHE A 357 -5.43 -13.36 -36.68
C PHE A 357 -4.10 -12.96 -37.28
N ASN A 358 -3.46 -13.87 -38.00
CA ASN A 358 -2.23 -13.53 -38.66
C ASN A 358 -2.50 -12.34 -39.57
N GLU A 359 -1.77 -11.25 -39.38
CA GLU A 359 -1.99 -10.05 -40.19
C GLU A 359 -0.72 -9.66 -40.93
N ASN A 360 -0.89 -8.83 -41.96
CA ASN A 360 0.20 -8.51 -42.85
C ASN A 360 1.27 -7.69 -42.16
N ASP A 361 1.00 -6.42 -41.95
CA ASP A 361 1.95 -5.57 -41.25
C ASP A 361 1.39 -5.08 -39.93
N GLU A 362 2.03 -4.05 -39.40
CA GLU A 362 1.65 -3.43 -38.15
C GLU A 362 0.19 -3.05 -38.17
N VAL A 363 -0.17 -2.26 -39.17
CA VAL A 363 -1.48 -1.63 -39.23
C VAL A 363 -2.63 -2.59 -39.42
N ALA A 364 -2.38 -3.74 -40.04
CA ALA A 364 -3.45 -4.73 -40.20
C ALA A 364 -3.86 -5.21 -38.82
N LEU A 365 -2.85 -5.40 -37.97
CA LEU A 365 -3.08 -5.79 -36.59
C LEU A 365 -3.79 -4.69 -35.82
N LEU A 366 -3.25 -3.47 -35.85
CA LEU A 366 -3.88 -2.34 -35.18
C LEU A 366 -5.36 -2.22 -35.48
N GLN A 367 -5.70 -2.15 -36.75
CA GLN A 367 -7.08 -1.99 -37.17
C GLN A 367 -7.91 -3.18 -36.76
N ARG A 368 -7.30 -4.36 -36.83
CA ARG A 368 -7.99 -5.58 -36.43
C ARG A 368 -8.33 -5.51 -34.94
N PHE A 369 -7.41 -4.94 -34.18
CA PHE A 369 -7.56 -4.79 -32.75
C PHE A 369 -8.78 -3.90 -32.48
N PHE A 370 -8.72 -2.70 -33.02
CA PHE A 370 -9.75 -1.71 -32.82
C PHE A 370 -11.10 -2.20 -33.28
N GLU A 371 -11.12 -2.79 -34.48
CA GLU A 371 -12.35 -3.35 -35.00
C GLU A 371 -12.93 -4.31 -33.98
N HIS A 372 -12.04 -5.00 -33.30
CA HIS A 372 -12.47 -6.07 -32.41
C HIS A 372 -12.98 -5.48 -31.11
N ILE A 373 -12.35 -4.41 -30.65
CA ILE A 373 -12.82 -3.72 -29.46
C ILE A 373 -14.25 -3.27 -29.71
N ARG A 374 -14.41 -2.41 -30.72
CA ARG A 374 -15.72 -1.95 -31.18
C ARG A 374 -16.77 -3.06 -31.29
N ASP A 375 -16.32 -4.28 -31.56
CA ASP A 375 -17.19 -5.39 -31.87
C ASP A 375 -17.80 -6.00 -30.64
N VAL A 376 -16.96 -6.14 -29.63
CA VAL A 376 -17.36 -6.85 -28.42
C VAL A 376 -17.87 -5.86 -27.38
N ARG A 377 -17.52 -4.58 -27.55
CA ARG A 377 -17.97 -3.55 -26.64
C ARG A 377 -17.65 -3.90 -25.19
N PRO A 378 -16.38 -3.76 -24.80
CA PRO A 378 -15.97 -4.11 -23.44
C PRO A 378 -16.09 -2.96 -22.45
N THR A 379 -16.70 -3.21 -21.31
CA THR A 379 -16.75 -2.20 -20.26
C THR A 379 -15.50 -2.23 -19.38
N VAL A 380 -14.85 -3.38 -19.27
CA VAL A 380 -13.56 -3.48 -18.60
C VAL A 380 -12.45 -3.93 -19.54
N ILE A 381 -11.44 -3.11 -19.73
CA ILE A 381 -10.19 -3.54 -20.33
C ILE A 381 -9.09 -3.54 -19.30
N SER A 382 -8.52 -4.71 -19.05
CA SER A 382 -7.47 -4.87 -18.07
C SER A 382 -6.12 -5.09 -18.70
N THR A 383 -5.07 -4.64 -18.03
CA THR A 383 -3.70 -4.88 -18.47
C THR A 383 -2.79 -5.06 -17.28
N PHE A 384 -1.49 -5.06 -17.55
CA PHE A 384 -0.48 -5.15 -16.51
C PHE A 384 0.57 -4.12 -16.83
N ASN A 385 0.54 -3.02 -16.12
CA ASN A 385 1.43 -1.91 -16.41
C ASN A 385 1.20 -1.41 -17.81
N GLY A 386 -0.03 -1.56 -18.28
CA GLY A 386 -0.42 -1.06 -19.59
C GLY A 386 -0.39 0.45 -19.67
N ASP A 387 -0.68 1.12 -18.55
CA ASP A 387 -0.64 2.57 -18.50
C ASP A 387 0.73 3.05 -18.82
N PHE A 388 1.74 2.36 -18.35
CA PHE A 388 3.11 2.86 -18.49
C PHE A 388 3.78 2.40 -19.78
N PHE A 389 3.40 1.23 -20.27
CA PHE A 389 4.03 0.69 -21.46
C PHE A 389 3.06 0.42 -22.61
N ASP A 390 2.16 -0.55 -22.43
CA ASP A 390 1.33 -1.02 -23.53
C ASP A 390 0.56 0.07 -24.26
N TRP A 391 -0.30 0.81 -23.56
CA TRP A 391 -1.13 1.82 -24.21
C TRP A 391 -0.32 2.86 -24.95
N PRO A 392 0.61 3.54 -24.29
CA PRO A 392 1.37 4.62 -24.91
C PRO A 392 2.08 4.15 -26.16
N PHE A 393 2.49 2.89 -26.18
CA PHE A 393 3.12 2.30 -27.35
C PHE A 393 2.10 2.36 -28.46
N ILE A 394 1.08 1.52 -28.35
CA ILE A 394 -0.04 1.47 -29.27
C ILE A 394 -0.47 2.83 -29.79
N HIS A 395 -0.65 3.78 -28.88
CA HIS A 395 -1.03 5.14 -29.25
C HIS A 395 -0.06 5.66 -30.29
N ASN A 396 1.23 5.63 -29.98
CA ASN A 396 2.22 6.17 -30.89
C ASN A 396 2.26 5.45 -32.24
N ARG A 397 2.24 4.12 -32.21
CA ARG A 397 2.24 3.35 -33.44
C ARG A 397 0.98 3.62 -34.23
N SER A 398 -0.03 4.16 -33.55
CA SER A 398 -1.27 4.52 -34.22
C SER A 398 -1.10 5.83 -34.98
N LYS A 399 -0.45 6.80 -34.35
CA LYS A 399 -0.24 8.10 -34.96
C LYS A 399 0.59 7.97 -36.22
N ILE A 400 1.72 7.31 -36.12
CA ILE A 400 2.64 7.19 -37.24
C ILE A 400 1.93 6.49 -38.40
N HIS A 401 1.11 5.50 -38.11
CA HIS A 401 0.28 4.89 -39.13
C HIS A 401 -0.92 5.78 -39.46
N GLY A 402 -0.91 7.00 -38.92
CA GLY A 402 -1.99 7.94 -39.20
C GLY A 402 -3.37 7.50 -38.76
N LEU A 403 -3.46 6.65 -37.75
CA LEU A 403 -4.76 6.32 -37.18
C LEU A 403 -5.05 7.25 -36.00
N ASP A 404 -6.33 7.40 -35.65
CA ASP A 404 -6.69 8.11 -34.43
C ASP A 404 -7.30 7.14 -33.40
N MET A 405 -6.56 6.91 -32.32
CA MET A 405 -6.98 5.93 -31.34
C MET A 405 -8.22 6.40 -30.62
N PHE A 406 -8.27 7.70 -30.37
CA PHE A 406 -9.45 8.25 -29.71
C PHE A 406 -10.69 8.04 -30.57
N ASP A 407 -10.61 8.39 -31.84
CA ASP A 407 -11.71 8.17 -32.76
C ASP A 407 -11.99 6.69 -32.93
N GLU A 408 -10.93 5.89 -32.84
CA GLU A 408 -11.06 4.46 -33.08
C GLU A 408 -11.86 3.77 -31.98
N ILE A 409 -11.37 3.86 -30.75
CA ILE A 409 -11.96 3.13 -29.65
C ILE A 409 -12.21 4.00 -28.42
N GLY A 410 -11.94 5.30 -28.54
CA GLY A 410 -12.32 6.23 -27.51
C GLY A 410 -11.42 6.29 -26.30
N PHE A 411 -10.22 5.74 -26.41
CA PHE A 411 -9.24 5.85 -25.33
C PHE A 411 -8.27 6.99 -25.58
N ALA A 412 -7.77 7.58 -24.51
CA ALA A 412 -6.76 8.63 -24.59
C ALA A 412 -6.13 8.86 -23.23
N PRO A 413 -4.98 9.53 -23.18
CA PRO A 413 -4.34 9.77 -21.90
C PRO A 413 -4.95 10.94 -21.14
N ASP A 414 -5.04 10.82 -19.83
CA ASP A 414 -5.56 11.89 -19.02
C ASP A 414 -4.45 12.81 -18.57
N ALA A 415 -4.75 13.64 -17.59
CA ALA A 415 -3.79 14.62 -17.11
C ALA A 415 -2.61 13.97 -16.42
N GLU A 416 -2.71 12.66 -16.17
CA GLU A 416 -1.63 11.96 -15.50
C GLU A 416 -0.88 11.01 -16.42
N GLY A 417 -1.21 11.04 -17.71
CA GLY A 417 -0.50 10.23 -18.67
C GLY A 417 -1.07 8.84 -18.68
N GLU A 418 -2.11 8.63 -17.88
CA GLU A 418 -2.75 7.34 -17.81
C GLU A 418 -3.87 7.27 -18.84
N TYR A 419 -4.14 6.08 -19.34
CA TYR A 419 -5.08 5.90 -20.43
C TYR A 419 -6.45 5.48 -19.93
N LYS A 420 -7.42 6.35 -20.18
CA LYS A 420 -8.78 6.17 -19.72
C LYS A 420 -9.74 6.32 -20.89
N SER A 421 -10.84 5.58 -20.84
CA SER A 421 -11.94 5.77 -21.76
C SER A 421 -13.12 6.35 -20.99
N SER A 422 -14.28 6.42 -21.63
CA SER A 422 -15.45 6.97 -20.97
C SER A 422 -16.42 5.87 -20.59
N TYR A 423 -16.49 4.86 -21.44
CA TYR A 423 -17.45 3.76 -21.35
C TYR A 423 -16.79 2.53 -20.77
N CYS A 424 -15.46 2.50 -20.83
CA CYS A 424 -14.69 1.33 -20.43
C CYS A 424 -13.62 1.63 -19.39
N SER A 425 -13.60 0.88 -18.31
CA SER A 425 -12.59 1.08 -17.30
C SER A 425 -11.28 0.44 -17.72
N HIS A 426 -10.18 1.15 -17.52
CA HIS A 426 -8.87 0.57 -17.72
C HIS A 426 -8.31 0.09 -16.40
N MET A 427 -8.58 -1.17 -16.08
CA MET A 427 -8.07 -1.79 -14.87
C MET A 427 -6.64 -2.35 -15.02
N ASP A 428 -5.66 -1.53 -14.69
CA ASP A 428 -4.24 -1.91 -14.74
C ASP A 428 -3.89 -2.73 -13.51
N CYS A 429 -3.85 -4.05 -13.63
CA CYS A 429 -3.66 -4.94 -12.48
C CYS A 429 -2.42 -4.65 -11.66
N PHE A 430 -1.44 -3.99 -12.27
CA PHE A 430 -0.21 -3.73 -11.58
C PHE A 430 -0.48 -2.76 -10.43
N ARG A 431 -1.49 -1.93 -10.62
CA ARG A 431 -1.87 -0.94 -9.61
C ARG A 431 -2.38 -1.64 -8.36
N TRP A 432 -3.17 -2.69 -8.57
CA TRP A 432 -3.68 -3.52 -7.51
C TRP A 432 -2.55 -4.25 -6.79
N VAL A 433 -1.63 -4.81 -7.57
CA VAL A 433 -0.51 -5.51 -7.00
C VAL A 433 0.28 -4.57 -6.12
N LYS A 434 0.60 -3.39 -6.65
CA LYS A 434 1.43 -2.43 -5.93
C LYS A 434 0.80 -2.02 -4.61
N ARG A 435 -0.50 -1.71 -4.65
CA ARG A 435 -1.18 -1.10 -3.51
C ARG A 435 -1.83 -2.10 -2.56
N ASP A 436 -2.53 -3.08 -3.12
CA ASP A 436 -3.43 -3.93 -2.36
C ASP A 436 -3.01 -5.39 -2.12
N SER A 437 -1.98 -5.88 -2.80
CA SER A 437 -1.69 -7.31 -2.73
C SER A 437 -0.91 -7.69 -1.48
N TYR A 438 -0.25 -6.71 -0.90
CA TYR A 438 0.62 -6.94 0.25
C TYR A 438 1.81 -7.82 -0.13
N LEU A 439 2.07 -7.95 -1.41
CA LEU A 439 3.26 -8.65 -1.85
C LEU A 439 4.45 -7.76 -1.62
N PRO A 440 5.63 -8.34 -1.45
CA PRO A 440 6.85 -7.52 -1.41
C PRO A 440 7.23 -7.11 -2.81
N GLN A 441 7.89 -5.98 -2.96
CA GLN A 441 8.21 -5.48 -4.29
C GLN A 441 8.96 -6.48 -5.17
N GLY A 442 9.72 -7.36 -4.53
CA GLY A 442 10.45 -8.38 -5.26
C GLY A 442 9.56 -9.45 -5.84
N SER A 443 8.26 -9.37 -5.56
CA SER A 443 7.33 -10.36 -6.06
C SER A 443 6.16 -9.71 -6.73
N GLN A 444 6.37 -8.56 -7.35
CA GLN A 444 5.28 -7.83 -7.96
C GLN A 444 5.36 -7.88 -9.47
N GLY A 445 6.15 -8.81 -9.99
CA GLY A 445 6.21 -9.05 -11.42
C GLY A 445 5.13 -10.07 -11.73
N LEU A 446 4.72 -10.13 -12.98
CA LEU A 446 3.57 -10.93 -13.34
C LEU A 446 3.80 -12.42 -13.12
N LYS A 447 5.06 -12.85 -13.15
CA LYS A 447 5.41 -14.25 -12.91
C LYS A 447 5.17 -14.62 -11.46
N ALA A 448 5.76 -13.84 -10.56
CA ALA A 448 5.67 -14.08 -9.13
C ALA A 448 4.25 -13.87 -8.63
N VAL A 449 3.58 -12.86 -9.16
CA VAL A 449 2.17 -12.65 -8.87
C VAL A 449 1.36 -13.84 -9.31
N THR A 450 1.69 -14.34 -10.49
CA THR A 450 1.00 -15.49 -11.04
C THR A 450 1.23 -16.73 -10.22
N GLN A 451 2.49 -16.96 -9.86
CA GLN A 451 2.84 -18.08 -9.00
C GLN A 451 2.04 -17.99 -7.68
N SER A 452 2.09 -16.82 -7.06
CA SER A 452 1.48 -16.64 -5.75
C SER A 452 -0.06 -16.61 -5.75
N LYS A 453 -0.64 -15.96 -6.73
CA LYS A 453 -2.05 -15.68 -6.67
C LYS A 453 -2.85 -16.63 -7.55
N LEU A 454 -2.20 -17.25 -8.52
CA LEU A 454 -2.90 -18.09 -9.47
C LEU A 454 -2.56 -19.56 -9.30
N GLY A 455 -1.39 -19.81 -8.74
CA GLY A 455 -1.00 -21.15 -8.37
C GLY A 455 -0.43 -21.99 -9.49
N TYR A 456 0.26 -21.36 -10.43
CA TYR A 456 0.91 -22.10 -11.48
C TYR A 456 2.08 -21.33 -12.00
N ASN A 457 2.87 -21.99 -12.84
CA ASN A 457 4.12 -21.44 -13.30
C ASN A 457 4.01 -20.96 -14.73
N PRO A 458 4.10 -19.65 -14.93
CA PRO A 458 3.89 -19.04 -16.22
C PRO A 458 5.10 -19.24 -17.11
N ILE A 459 4.90 -19.06 -18.41
CA ILE A 459 5.97 -19.22 -19.37
C ILE A 459 6.95 -18.07 -19.30
N GLU A 460 8.24 -18.38 -19.19
CA GLU A 460 9.25 -17.35 -19.18
C GLU A 460 9.98 -17.27 -20.51
N LEU A 461 10.47 -16.08 -20.83
CA LEU A 461 11.26 -15.91 -22.03
C LEU A 461 12.25 -14.77 -21.90
N ASP A 462 13.52 -15.08 -22.08
CA ASP A 462 14.57 -14.08 -22.00
C ASP A 462 14.23 -12.97 -22.97
N PRO A 463 14.02 -11.77 -22.43
CA PRO A 463 13.62 -10.58 -23.19
C PRO A 463 14.40 -10.39 -24.49
N GLU A 464 15.68 -10.72 -24.47
CA GLU A 464 16.55 -10.43 -25.62
C GLU A 464 16.30 -11.37 -26.80
N LEU A 465 15.58 -12.45 -26.55
CA LEU A 465 15.36 -13.46 -27.59
C LEU A 465 13.98 -13.31 -28.23
N MET A 466 13.19 -12.37 -27.72
CA MET A 466 11.82 -12.29 -28.16
C MET A 466 11.72 -11.80 -29.59
N THR A 467 12.64 -10.93 -29.99
CA THR A 467 12.66 -10.47 -31.37
C THR A 467 13.19 -11.56 -32.30
N PRO A 468 14.39 -12.07 -32.00
CA PRO A 468 14.99 -13.15 -32.79
C PRO A 468 14.03 -14.33 -32.97
N TYR A 469 13.31 -14.71 -31.93
CA TYR A 469 12.41 -15.84 -32.03
C TYR A 469 11.22 -15.55 -32.94
N ALA A 470 10.95 -14.27 -33.19
CA ALA A 470 9.87 -13.90 -34.08
C ALA A 470 10.06 -14.58 -35.42
N PHE A 471 11.25 -14.37 -35.98
CA PHE A 471 11.70 -15.06 -37.18
C PHE A 471 12.07 -16.51 -36.87
N GLU A 472 13.01 -16.68 -35.94
CA GLU A 472 13.61 -17.98 -35.66
C GLU A 472 12.60 -19.00 -35.16
N LYS A 473 12.04 -18.80 -33.97
CA LYS A 473 11.09 -19.77 -33.41
C LYS A 473 9.73 -19.15 -33.10
N PRO A 474 8.99 -18.74 -34.14
CA PRO A 474 7.79 -17.91 -33.98
C PRO A 474 6.74 -18.49 -33.03
N GLN A 475 6.27 -19.69 -33.33
CA GLN A 475 5.20 -20.32 -32.57
C GLN A 475 5.46 -20.40 -31.07
N HIS A 476 6.72 -20.51 -30.64
CA HIS A 476 6.98 -20.56 -29.21
C HIS A 476 6.97 -19.16 -28.61
N LEU A 477 7.37 -18.18 -29.40
CA LEU A 477 7.24 -16.80 -28.97
C LEU A 477 5.77 -16.46 -28.76
N SER A 478 4.94 -16.98 -29.65
CA SER A 478 3.50 -16.77 -29.56
C SER A 478 2.89 -17.50 -28.36
N GLU A 479 3.38 -18.71 -28.09
CA GLU A 479 2.98 -19.45 -26.89
C GLU A 479 3.23 -18.62 -25.65
N TYR A 480 4.40 -17.98 -25.56
CA TYR A 480 4.72 -17.17 -24.40
C TYR A 480 3.80 -15.98 -24.27
N SER A 481 3.52 -15.32 -25.39
CA SER A 481 2.71 -14.12 -25.35
C SER A 481 1.31 -14.38 -24.80
N VAL A 482 0.68 -15.49 -25.16
CA VAL A 482 -0.64 -15.76 -24.64
C VAL A 482 -0.59 -15.98 -23.15
N SER A 483 0.59 -16.31 -22.62
CA SER A 483 0.70 -16.59 -21.20
C SER A 483 0.53 -15.32 -20.39
N ASP A 484 1.20 -14.24 -20.78
CA ASP A 484 1.01 -12.93 -20.19
C ASP A 484 -0.47 -12.54 -20.12
N ALA A 485 -1.23 -12.90 -21.14
CA ALA A 485 -2.63 -12.51 -21.21
C ALA A 485 -3.49 -13.37 -20.32
N VAL A 486 -3.26 -14.67 -20.35
CA VAL A 486 -4.03 -15.59 -19.53
C VAL A 486 -3.84 -15.23 -18.06
N ALA A 487 -2.61 -14.88 -17.69
CA ALA A 487 -2.30 -14.50 -16.34
C ALA A 487 -3.06 -13.23 -15.99
N THR A 488 -2.80 -12.19 -16.76
CA THR A 488 -3.46 -10.93 -16.59
C THR A 488 -4.98 -10.98 -16.51
N TYR A 489 -5.60 -11.80 -17.37
CA TYR A 489 -7.06 -11.90 -17.40
C TYR A 489 -7.61 -12.59 -16.17
N TYR A 490 -6.98 -13.68 -15.75
CA TYR A 490 -7.52 -14.44 -14.63
C TYR A 490 -7.10 -13.84 -13.29
N LEU A 491 -5.99 -13.13 -13.29
CA LEU A 491 -5.66 -12.31 -12.12
C LEU A 491 -6.71 -11.21 -11.94
N TYR A 492 -7.12 -10.58 -13.04
CA TYR A 492 -8.12 -9.55 -12.96
C TYR A 492 -9.46 -10.09 -12.48
N MET A 493 -9.93 -11.16 -13.08
CA MET A 493 -11.27 -11.66 -12.78
C MET A 493 -11.38 -12.24 -11.40
N LYS A 494 -10.30 -12.78 -10.88
CA LYS A 494 -10.34 -13.50 -9.61
C LYS A 494 -10.00 -12.65 -8.39
N TYR A 495 -9.25 -11.57 -8.61
CA TYR A 495 -8.81 -10.74 -7.50
C TYR A 495 -9.19 -9.28 -7.66
N VAL A 496 -8.79 -8.68 -8.76
CA VAL A 496 -8.94 -7.24 -8.91
C VAL A 496 -10.39 -6.84 -9.08
N HIS A 497 -11.12 -7.58 -9.88
CA HIS A 497 -12.50 -7.24 -10.17
C HIS A 497 -13.42 -7.20 -8.96
N PRO A 498 -13.58 -8.34 -8.26
CA PRO A 498 -14.51 -8.31 -7.14
C PRO A 498 -14.13 -7.30 -6.10
N PHE A 499 -12.83 -7.18 -5.85
CA PHE A 499 -12.35 -6.39 -4.75
C PHE A 499 -12.64 -4.95 -4.99
N ILE A 500 -12.28 -4.49 -6.18
CA ILE A 500 -12.38 -3.09 -6.52
C ILE A 500 -13.82 -2.65 -6.63
N PHE A 501 -14.61 -3.41 -7.39
CA PHE A 501 -16.01 -3.10 -7.60
C PHE A 501 -16.83 -3.16 -6.31
N SER A 502 -16.50 -4.07 -5.42
CA SER A 502 -17.13 -4.09 -4.12
C SER A 502 -16.71 -2.87 -3.33
N LEU A 503 -15.49 -2.42 -3.58
CA LEU A 503 -14.93 -1.29 -2.90
C LEU A 503 -15.66 -0.05 -3.37
N CYS A 504 -16.06 -0.07 -4.62
CA CYS A 504 -16.80 1.02 -5.19
C CYS A 504 -18.18 1.18 -4.62
N THR A 505 -18.71 0.14 -3.99
CA THR A 505 -20.08 0.21 -3.51
C THR A 505 -20.11 1.06 -2.25
N ILE A 506 -18.95 1.24 -1.61
CA ILE A 506 -18.84 2.09 -0.43
C ILE A 506 -17.97 3.34 -0.62
N ILE A 507 -17.25 3.45 -1.71
CA ILE A 507 -16.40 4.61 -1.96
C ILE A 507 -16.89 5.41 -3.17
N PRO A 508 -17.07 6.73 -2.99
CA PRO A 508 -17.60 7.59 -4.06
C PRO A 508 -16.65 7.74 -5.22
N LEU A 509 -16.13 6.66 -5.75
CA LEU A 509 -15.22 6.75 -6.89
C LEU A 509 -15.60 5.78 -7.99
N ASN A 510 -15.22 6.05 -9.22
CA ASN A 510 -15.40 5.04 -10.25
C ASN A 510 -14.23 4.05 -10.19
N PRO A 511 -14.33 2.96 -10.94
CA PRO A 511 -13.31 1.92 -10.85
C PRO A 511 -11.88 2.39 -11.16
N ASP A 512 -11.70 3.13 -12.24
CA ASP A 512 -10.39 3.69 -12.57
C ASP A 512 -9.74 4.33 -11.36
N GLU A 513 -10.52 5.05 -10.57
CA GLU A 513 -9.98 5.78 -9.44
C GLU A 513 -9.87 4.93 -8.21
N THR A 514 -10.84 4.05 -7.99
CA THR A 514 -10.82 3.18 -6.83
C THR A 514 -9.62 2.24 -6.93
N LEU A 515 -9.14 2.02 -8.14
CA LEU A 515 -7.97 1.21 -8.33
C LEU A 515 -6.66 1.95 -8.09
N ARG A 516 -6.67 3.27 -8.24
CA ARG A 516 -5.42 4.02 -8.39
C ARG A 516 -5.16 5.02 -7.31
N LYS A 517 -6.19 5.50 -6.63
CA LYS A 517 -5.94 6.51 -5.62
C LYS A 517 -5.16 5.93 -4.45
N GLY A 518 -4.36 6.76 -3.81
CA GLY A 518 -3.67 6.39 -2.58
C GLY A 518 -4.67 5.90 -1.57
N THR A 519 -4.23 5.02 -0.67
CA THR A 519 -5.16 4.46 0.30
C THR A 519 -5.57 5.51 1.27
N GLY A 520 -4.70 6.49 1.51
CA GLY A 520 -5.05 7.61 2.37
C GLY A 520 -6.21 8.36 1.76
N THR A 521 -6.20 8.49 0.44
CA THR A 521 -7.26 9.18 -0.27
C THR A 521 -8.54 8.37 -0.24
N LEU A 522 -8.44 7.06 -0.33
CA LEU A 522 -9.62 6.23 -0.17
C LEU A 522 -10.26 6.49 1.19
N CYS A 523 -9.44 6.62 2.23
CA CYS A 523 -9.94 6.89 3.57
C CYS A 523 -10.64 8.24 3.66
N GLU A 524 -10.05 9.27 3.06
CA GLU A 524 -10.58 10.61 3.13
C GLU A 524 -11.98 10.63 2.50
N MET A 525 -12.12 9.97 1.35
CA MET A 525 -13.41 9.85 0.68
C MET A 525 -14.45 9.25 1.61
N LEU A 526 -14.14 8.12 2.21
CA LEU A 526 -15.06 7.48 3.12
C LEU A 526 -15.47 8.40 4.26
N LEU A 527 -14.53 9.19 4.73
CA LEU A 527 -14.72 10.03 5.89
C LEU A 527 -15.54 11.25 5.50
N MET A 528 -15.47 11.63 4.24
CA MET A 528 -16.20 12.78 3.73
C MET A 528 -17.67 12.42 3.58
N VAL A 529 -17.93 11.17 3.23
CA VAL A 529 -19.28 10.69 3.20
C VAL A 529 -19.84 10.81 4.60
N GLN A 530 -19.12 10.24 5.54
CA GLN A 530 -19.56 10.14 6.91
C GLN A 530 -19.75 11.51 7.51
N ALA A 531 -18.82 12.42 7.26
CA ALA A 531 -18.98 13.80 7.71
C ALA A 531 -20.17 14.49 7.05
N TYR A 532 -20.34 14.30 5.75
CA TYR A 532 -21.42 14.93 5.02
C TYR A 532 -22.78 14.50 5.55
N GLN A 533 -22.99 13.19 5.62
CA GLN A 533 -24.25 12.64 6.10
C GLN A 533 -24.54 13.01 7.53
N HIS A 534 -23.56 13.53 8.26
CA HIS A 534 -23.79 13.94 9.64
C HIS A 534 -23.88 15.45 9.76
N ASN A 535 -23.87 16.13 8.63
CA ASN A 535 -23.98 17.57 8.59
C ASN A 535 -22.79 18.22 9.23
N ILE A 536 -21.63 17.61 9.07
CA ILE A 536 -20.42 18.19 9.61
C ILE A 536 -19.67 18.88 8.50
N LEU A 537 -19.18 20.07 8.79
CA LEU A 537 -18.46 20.84 7.80
C LEU A 537 -17.03 20.36 7.64
N LEU A 538 -16.62 20.14 6.39
CA LEU A 538 -15.29 19.64 6.12
C LEU A 538 -14.21 20.65 6.45
N PRO A 539 -13.18 20.19 7.16
CA PRO A 539 -12.01 21.05 7.35
C PRO A 539 -11.31 21.16 6.03
N ASN A 540 -10.69 22.29 5.74
CA ASN A 540 -9.89 22.41 4.56
C ASN A 540 -8.66 21.53 4.68
N LYS A 541 -8.03 21.24 3.55
CA LYS A 541 -6.83 20.43 3.58
C LYS A 541 -5.76 21.14 4.38
N HIS A 542 -5.03 20.35 5.15
CA HIS A 542 -3.98 20.82 6.03
C HIS A 542 -2.80 21.19 5.22
N THR A 543 -2.08 22.22 5.63
CA THR A 543 -0.86 22.55 4.94
C THR A 543 0.30 22.60 5.92
N ASP A 544 1.39 21.94 5.55
CA ASP A 544 2.53 21.79 6.43
C ASP A 544 3.25 23.10 6.54
N PRO A 545 3.74 23.41 7.74
CA PRO A 545 4.32 24.70 8.10
C PRO A 545 5.68 24.93 7.44
N ILE A 546 6.04 26.19 7.31
CA ILE A 546 7.26 26.56 6.60
C ILE A 546 8.50 26.15 7.39
N GLU A 547 8.52 26.47 8.67
CA GLU A 547 9.56 26.04 9.57
C GLU A 547 9.00 25.94 10.98
N ARG A 548 9.69 25.20 11.83
CA ARG A 548 9.24 24.99 13.18
C ARG A 548 10.44 24.98 14.11
N PHE A 549 10.25 25.43 15.34
CA PHE A 549 11.37 25.55 16.25
C PHE A 549 11.18 24.79 17.54
N TYR A 550 12.30 24.44 18.16
CA TYR A 550 12.30 23.81 19.47
C TYR A 550 13.45 24.41 20.27
N ASP A 551 13.11 25.23 21.26
CA ASP A 551 14.10 25.83 22.16
C ASP A 551 15.06 26.80 21.46
N GLY A 552 14.64 27.35 20.34
CA GLY A 552 15.46 28.31 19.63
C GLY A 552 16.17 27.64 18.49
N HIS A 553 16.14 26.31 18.50
CA HIS A 553 16.74 25.52 17.44
C HIS A 553 15.75 25.27 16.31
N LEU A 554 16.21 25.42 15.08
CA LEU A 554 15.39 25.11 13.92
C LEU A 554 15.19 23.61 13.80
N LEU A 555 13.95 23.17 13.87
CA LEU A 555 13.68 21.75 13.74
C LEU A 555 13.94 21.30 12.33
N GLU A 556 14.75 20.26 12.20
CA GLU A 556 15.07 19.68 10.91
C GLU A 556 13.93 18.77 10.50
N SER A 557 13.42 18.05 11.50
CA SER A 557 12.38 17.07 11.32
C SER A 557 11.78 16.80 12.67
N GLU A 558 10.53 16.38 12.72
CA GLU A 558 9.94 16.02 13.98
C GLU A 558 8.86 14.99 13.77
N THR A 559 8.66 14.13 14.76
CA THR A 559 7.63 13.11 14.67
C THR A 559 7.35 12.54 16.05
N TYR A 560 6.83 11.33 16.09
CA TYR A 560 6.54 10.66 17.34
C TYR A 560 7.15 9.28 17.27
N VAL A 561 7.43 8.71 18.43
CA VAL A 561 8.02 7.40 18.54
C VAL A 561 7.01 6.33 18.17
N GLY A 562 7.32 5.58 17.13
CA GLY A 562 6.40 4.61 16.59
C GLY A 562 6.34 3.35 17.42
N GLY A 563 6.24 2.21 16.75
CA GLY A 563 6.12 0.92 17.41
C GLY A 563 7.38 0.40 18.08
N HIS A 564 7.22 -0.62 18.90
CA HIS A 564 8.33 -1.17 19.66
C HIS A 564 8.82 -2.47 19.07
N VAL A 565 10.14 -2.61 18.94
CA VAL A 565 10.73 -3.75 18.27
C VAL A 565 11.93 -4.26 19.07
N GLU A 566 11.92 -5.54 19.41
CA GLU A 566 13.02 -6.12 20.18
C GLU A 566 13.59 -7.42 19.57
N SER A 567 14.90 -7.51 19.45
CA SER A 567 15.53 -8.78 19.13
C SER A 567 16.19 -9.31 20.37
N LEU A 568 15.71 -10.45 20.87
CA LEU A 568 16.07 -10.93 22.19
C LEU A 568 16.93 -12.18 22.15
N GLU A 569 16.63 -13.08 21.23
CA GLU A 569 17.42 -14.28 21.07
C GLU A 569 17.67 -14.64 19.62
N ALA A 570 18.84 -15.18 19.35
CA ALA A 570 19.18 -15.68 18.02
C ALA A 570 19.22 -17.20 18.07
N GLY A 571 19.19 -17.84 16.90
CA GLY A 571 19.48 -19.26 16.84
C GLY A 571 18.40 -20.16 16.28
N VAL A 572 18.53 -21.45 16.57
CA VAL A 572 17.61 -22.45 16.08
C VAL A 572 16.73 -22.94 17.20
N PHE A 573 15.43 -23.04 16.91
CA PHE A 573 14.46 -23.51 17.87
C PHE A 573 13.53 -24.49 17.18
N ARG A 574 13.43 -25.70 17.72
CA ARG A 574 12.73 -26.78 17.05
C ARG A 574 11.94 -27.55 18.06
N SER A 575 10.78 -28.04 17.66
CA SER A 575 9.86 -28.70 18.57
C SER A 575 10.41 -29.97 19.15
N ASP A 576 11.61 -30.32 18.73
CA ASP A 576 12.23 -31.58 19.06
C ASP A 576 13.58 -31.44 19.76
N LEU A 577 14.10 -30.21 19.82
CA LEU A 577 15.34 -29.96 20.52
C LEU A 577 15.07 -29.24 21.82
N LYS A 578 15.32 -29.90 22.94
CA LYS A 578 14.99 -29.33 24.24
C LYS A 578 15.63 -27.98 24.44
N ASN A 579 14.96 -27.13 25.22
CA ASN A 579 15.45 -25.81 25.59
C ASN A 579 15.37 -25.62 27.10
N GLU A 580 16.24 -24.78 27.66
CA GLU A 580 16.29 -24.52 29.09
C GLU A 580 15.42 -23.36 29.55
N PHE A 581 14.49 -23.64 30.46
CA PHE A 581 13.61 -22.61 30.97
C PHE A 581 13.89 -22.28 32.42
N LYS A 582 13.75 -21.01 32.76
CA LYS A 582 14.02 -20.52 34.11
C LYS A 582 12.80 -19.87 34.69
N ILE A 583 11.68 -20.59 34.69
CA ILE A 583 10.40 -20.07 35.13
C ILE A 583 10.42 -19.33 36.46
N ASP A 584 9.58 -18.31 36.56
CA ASP A 584 9.44 -17.52 37.78
C ASP A 584 8.17 -17.94 38.51
N PRO A 585 8.33 -18.59 39.68
CA PRO A 585 7.21 -19.11 40.47
C PRO A 585 6.22 -18.01 40.77
N SER A 586 6.76 -16.82 40.98
CA SER A 586 5.97 -15.64 41.24
C SER A 586 4.91 -15.42 40.16
N ALA A 587 5.36 -15.42 38.91
CA ALA A 587 4.46 -15.24 37.78
C ALA A 587 3.40 -16.33 37.75
N ILE A 588 3.81 -17.55 38.05
CA ILE A 588 2.88 -18.67 38.11
C ILE A 588 1.83 -18.44 39.18
N ASP A 589 2.24 -17.81 40.27
CA ASP A 589 1.31 -17.44 41.32
C ASP A 589 0.20 -16.58 40.75
N GLU A 590 0.59 -15.46 40.17
CA GLU A 590 -0.33 -14.47 39.61
C GLU A 590 -1.31 -15.07 38.61
N LEU A 591 -0.81 -15.94 37.76
CA LEU A 591 -1.67 -16.58 36.78
C LEU A 591 -2.70 -17.47 37.46
N LEU A 592 -2.34 -17.99 38.63
CA LEU A 592 -3.23 -18.84 39.41
C LEU A 592 -4.30 -18.02 40.08
N GLN A 593 -3.87 -16.93 40.70
CA GLN A 593 -4.78 -16.00 41.33
C GLN A 593 -5.74 -15.41 40.31
N GLU A 594 -5.25 -15.16 39.10
CA GLU A 594 -6.05 -14.58 38.02
C GLU A 594 -6.92 -15.61 37.30
N LEU A 595 -6.52 -16.87 37.39
CA LEU A 595 -7.06 -17.91 36.53
C LEU A 595 -8.57 -17.91 36.39
N PRO A 596 -9.28 -17.84 37.51
CA PRO A 596 -10.75 -17.95 37.52
C PRO A 596 -11.42 -16.83 36.73
N GLU A 597 -11.07 -15.60 37.06
CA GLU A 597 -11.57 -14.43 36.38
C GLU A 597 -11.13 -14.43 34.90
N ALA A 598 -9.95 -14.96 34.60
CA ALA A 598 -9.46 -15.02 33.22
C ALA A 598 -10.24 -16.04 32.40
N LEU A 599 -10.48 -17.20 33.00
CA LEU A 599 -11.25 -18.24 32.35
C LEU A 599 -12.67 -17.76 32.06
N LYS A 600 -13.19 -16.95 32.97
CA LYS A 600 -14.51 -16.38 32.80
C LYS A 600 -14.50 -15.43 31.62
N PHE A 601 -13.43 -14.63 31.58
CA PHE A 601 -13.22 -13.65 30.51
C PHE A 601 -13.27 -14.30 29.15
N SER A 602 -12.57 -15.43 29.02
CA SER A 602 -12.55 -16.18 27.78
C SER A 602 -13.95 -16.57 27.32
N VAL A 603 -14.80 -16.94 28.28
CA VAL A 603 -16.13 -17.40 27.94
C VAL A 603 -17.06 -16.27 27.57
N GLU A 604 -17.21 -15.30 28.47
CA GLU A 604 -18.10 -14.20 28.21
C GLU A 604 -17.63 -13.32 27.06
N VAL A 605 -16.38 -12.90 27.12
CA VAL A 605 -15.87 -11.92 26.17
C VAL A 605 -15.34 -12.51 24.87
N GLU A 606 -14.37 -13.42 24.97
CA GLU A 606 -13.74 -13.94 23.77
C GLU A 606 -14.68 -14.81 22.94
N ASN A 607 -15.62 -15.46 23.62
CA ASN A 607 -16.53 -16.38 22.94
C ASN A 607 -18.00 -15.92 22.97
N LYS A 608 -18.30 -14.93 23.81
CA LYS A 608 -19.63 -14.34 23.86
C LYS A 608 -20.70 -15.31 24.34
N SER A 609 -20.41 -15.99 25.45
CA SER A 609 -21.38 -16.83 26.13
C SER A 609 -21.38 -16.48 27.62
N SER A 610 -22.05 -17.31 28.42
CA SER A 610 -21.96 -17.19 29.86
C SER A 610 -21.39 -18.48 30.43
N VAL A 611 -20.75 -18.38 31.58
CA VAL A 611 -20.26 -19.56 32.27
C VAL A 611 -21.43 -20.48 32.64
N ASP A 612 -22.61 -19.87 32.75
CA ASP A 612 -23.83 -20.59 33.12
C ASP A 612 -24.15 -21.76 32.20
N LYS A 613 -23.86 -21.61 30.92
CA LYS A 613 -24.18 -22.65 29.97
C LYS A 613 -22.99 -23.60 29.78
N VAL A 614 -22.04 -23.53 30.71
CA VAL A 614 -20.77 -24.24 30.54
C VAL A 614 -20.68 -25.50 31.38
N THR A 615 -20.41 -26.61 30.70
CA THR A 615 -20.38 -27.93 31.32
C THR A 615 -19.14 -28.12 32.19
N ASN A 616 -17.97 -28.04 31.58
CA ASN A 616 -16.73 -28.44 32.25
C ASN A 616 -15.82 -27.29 32.66
N PHE A 617 -16.40 -26.19 33.08
CA PHE A 617 -15.63 -25.04 33.51
C PHE A 617 -14.72 -25.41 34.66
N GLU A 618 -15.13 -26.39 35.44
CA GLU A 618 -14.38 -26.74 36.63
C GLU A 618 -13.29 -27.76 36.33
N GLU A 619 -13.56 -28.72 35.45
CA GLU A 619 -12.53 -29.69 35.11
C GLU A 619 -11.37 -28.93 34.51
N ILE A 620 -11.70 -28.09 33.52
CA ILE A 620 -10.69 -27.35 32.78
C ILE A 620 -9.87 -26.46 33.69
N LYS A 621 -10.51 -25.85 34.67
CA LYS A 621 -9.80 -24.97 35.58
C LYS A 621 -8.69 -25.69 36.36
N ASN A 622 -8.86 -26.97 36.63
CA ASN A 622 -7.84 -27.70 37.40
C ASN A 622 -6.80 -28.33 36.50
N GLN A 623 -7.22 -28.76 35.32
CA GLN A 623 -6.27 -29.27 34.33
C GLN A 623 -5.16 -28.27 34.18
N ILE A 624 -5.56 -27.02 33.99
CA ILE A 624 -4.64 -25.90 33.94
C ILE A 624 -3.88 -25.74 35.24
N THR A 625 -4.63 -25.69 36.33
CA THR A 625 -4.06 -25.43 37.64
C THR A 625 -2.96 -26.42 37.99
N GLN A 626 -3.19 -27.69 37.65
CA GLN A 626 -2.23 -28.75 37.90
C GLN A 626 -0.91 -28.47 37.19
N LYS A 627 -1.01 -28.23 35.88
CA LYS A 627 0.16 -27.90 35.08
C LYS A 627 0.88 -26.67 35.59
N LEU A 628 0.12 -25.64 35.98
CA LEU A 628 0.74 -24.41 36.47
C LEU A 628 1.51 -24.67 37.75
N LEU A 629 0.88 -25.42 38.66
CA LEU A 629 1.51 -25.70 39.93
C LEU A 629 2.81 -26.44 39.69
N GLU A 630 2.73 -27.49 38.87
CA GLU A 630 3.90 -28.26 38.52
C GLU A 630 5.05 -27.35 38.12
N LEU A 631 4.75 -26.33 37.32
CA LEU A 631 5.78 -25.41 36.86
C LEU A 631 6.37 -24.59 37.98
N LYS A 632 5.57 -24.31 39.01
CA LYS A 632 6.03 -23.48 40.12
C LYS A 632 7.15 -24.17 40.88
N GLU A 633 6.90 -25.41 41.32
CA GLU A 633 7.94 -26.17 42.00
C GLU A 633 9.06 -26.50 41.03
N ASN A 634 8.73 -27.29 40.01
CA ASN A 634 9.69 -27.63 38.96
C ASN A 634 10.01 -26.44 38.08
N ASN A 635 10.37 -25.30 38.65
CA ASN A 635 10.47 -24.10 37.84
C ASN A 635 11.74 -24.04 37.00
N ILE A 636 12.73 -24.87 37.30
CA ILE A 636 13.87 -25.00 36.39
C ILE A 636 13.71 -26.29 35.62
N ARG A 637 13.54 -26.16 34.31
CA ARG A 637 13.25 -27.32 33.51
C ARG A 637 14.03 -27.36 32.22
N ASN A 638 13.79 -28.41 31.45
CA ASN A 638 14.55 -28.63 30.25
C ASN A 638 13.78 -29.55 29.34
N GLU A 639 13.05 -28.98 28.39
CA GLU A 639 12.15 -29.76 27.57
C GLU A 639 11.89 -29.17 26.20
N LEU A 640 11.16 -29.92 25.41
CA LEU A 640 10.81 -29.48 24.08
C LEU A 640 9.94 -28.25 24.18
N PRO A 641 10.15 -27.29 23.29
CA PRO A 641 9.47 -26.01 23.30
C PRO A 641 8.21 -26.02 22.49
N LEU A 642 7.26 -25.20 22.90
CA LEU A 642 6.13 -24.86 22.08
C LEU A 642 6.47 -23.56 21.37
N ILE A 643 6.59 -23.59 20.05
CA ILE A 643 6.98 -22.38 19.33
C ILE A 643 5.75 -21.59 18.94
N TYR A 644 5.46 -20.55 19.70
CA TYR A 644 4.22 -19.80 19.57
C TYR A 644 4.40 -18.39 19.06
N HIS A 645 3.39 -17.89 18.38
CA HIS A 645 3.29 -16.51 17.97
C HIS A 645 1.98 -15.89 18.40
N VAL A 646 2.03 -14.74 19.04
CA VAL A 646 0.83 -14.01 19.41
C VAL A 646 0.84 -12.64 18.77
N ASP A 647 -0.29 -12.25 18.21
CA ASP A 647 -0.38 -11.01 17.42
C ASP A 647 -1.72 -10.30 17.62
N VAL A 648 -1.67 -9.05 18.06
CA VAL A 648 -2.88 -8.27 18.24
C VAL A 648 -3.56 -8.05 16.92
N ALA A 649 -4.86 -8.34 16.87
CA ALA A 649 -5.65 -8.18 15.67
C ALA A 649 -6.01 -6.72 15.43
N SER A 650 -5.73 -6.23 14.22
CA SER A 650 -5.91 -4.83 13.86
C SER A 650 -5.54 -3.88 14.99
N MET A 651 -4.28 -3.89 15.40
CA MET A 651 -3.90 -3.22 16.63
C MET A 651 -4.25 -1.74 16.66
N TYR A 652 -3.72 -0.94 15.76
CA TYR A 652 -3.88 0.49 15.91
C TYR A 652 -5.33 0.94 15.79
N PRO A 653 -6.06 0.39 14.82
CA PRO A 653 -7.49 0.68 14.69
C PRO A 653 -8.28 0.38 15.94
N ASN A 654 -7.98 -0.70 16.65
CA ASN A 654 -8.69 -1.02 17.88
C ASN A 654 -8.21 -0.19 19.06
N ILE A 655 -6.95 0.24 19.04
CA ILE A 655 -6.53 1.19 20.03
C ILE A 655 -7.27 2.52 19.84
N MET A 656 -7.46 2.93 18.59
CA MET A 656 -8.20 4.14 18.28
C MET A 656 -9.65 4.04 18.69
N THR A 657 -10.31 2.97 18.28
CA THR A 657 -11.73 2.87 18.54
C THR A 657 -11.96 2.62 20.02
N THR A 658 -11.00 2.00 20.68
CA THR A 658 -11.12 1.73 22.11
C THR A 658 -11.02 2.99 22.94
N ASN A 659 -10.14 3.88 22.55
CA ASN A 659 -9.91 5.09 23.31
C ASN A 659 -10.64 6.26 22.68
N ARG A 660 -11.42 5.96 21.64
CA ARG A 660 -12.22 6.98 20.96
C ARG A 660 -11.32 8.02 20.40
N LEU A 661 -10.17 7.59 19.90
CA LEU A 661 -9.20 8.50 19.33
C LEU A 661 -9.65 8.96 17.97
N GLN A 662 -9.77 10.27 17.80
CA GLN A 662 -9.96 10.81 16.47
C GLN A 662 -9.55 12.25 16.52
N PRO A 663 -8.97 12.78 15.42
CA PRO A 663 -8.39 14.11 15.30
C PRO A 663 -9.19 15.20 15.97
N ASP A 664 -10.50 15.18 15.81
CA ASP A 664 -11.33 16.27 16.31
C ASP A 664 -11.66 16.15 17.79
N SER A 665 -11.19 15.09 18.42
CA SER A 665 -11.40 14.86 19.84
C SER A 665 -10.23 15.38 20.70
N ILE A 666 -9.15 15.79 20.06
CA ILE A 666 -7.97 16.26 20.76
C ILE A 666 -8.06 17.76 21.03
N LYS A 667 -8.37 18.12 22.27
CA LYS A 667 -8.65 19.52 22.61
C LYS A 667 -7.45 20.18 23.25
N ALA A 668 -7.21 21.44 22.87
CA ALA A 668 -6.05 22.18 23.37
C ALA A 668 -6.36 22.92 24.66
N GLU A 669 -6.68 22.17 25.71
CA GLU A 669 -7.03 22.72 27.03
C GLU A 669 -8.44 23.31 27.04
N ARG A 670 -9.06 23.37 25.86
CA ARG A 670 -10.40 23.94 25.73
C ARG A 670 -11.01 23.63 24.38
N ASP A 671 -12.14 22.90 24.39
CA ASP A 671 -12.70 22.33 25.61
C ASP A 671 -13.79 21.31 25.31
N ALA A 685 -13.22 13.83 29.32
CA ALA A 685 -11.81 14.11 29.07
C ALA A 685 -10.90 12.95 29.50
N ARG A 686 -10.09 12.47 28.57
CA ARG A 686 -9.20 11.36 28.85
C ARG A 686 -7.78 11.80 28.52
N LYS A 687 -6.90 11.69 29.50
CA LYS A 687 -5.53 12.11 29.32
C LYS A 687 -4.71 10.92 28.86
N LEU A 688 -4.12 11.02 27.69
CA LEU A 688 -3.28 9.96 27.19
C LEU A 688 -1.95 10.52 26.72
N LYS A 689 -0.91 9.75 26.85
CA LYS A 689 0.41 10.27 26.53
C LYS A 689 0.97 9.76 25.24
N TRP A 690 1.88 10.55 24.69
CA TRP A 690 2.62 10.14 23.54
C TRP A 690 4.05 10.62 23.67
N ALA A 691 4.91 10.19 22.73
CA ALA A 691 6.31 10.54 22.77
C ALA A 691 6.71 11.30 21.53
N TRP A 692 7.02 12.57 21.69
CA TRP A 692 7.42 13.42 20.57
C TRP A 692 8.91 13.25 20.37
N ARG A 693 9.37 13.24 19.14
CA ARG A 693 10.80 13.18 18.91
C ARG A 693 11.23 14.18 17.86
N GLY A 694 12.02 15.14 18.28
CA GLY A 694 12.50 16.16 17.40
C GLY A 694 13.94 15.93 17.00
N GLU A 695 14.27 16.39 15.81
CA GLU A 695 15.62 16.38 15.29
C GLU A 695 16.01 17.80 14.91
N PHE A 696 16.82 18.44 15.74
CA PHE A 696 17.10 19.87 15.55
C PHE A 696 18.58 20.17 15.43
N PHE A 697 18.89 21.33 14.85
CA PHE A 697 20.25 21.83 14.76
C PHE A 697 20.77 22.26 16.13
N PRO A 698 22.08 22.08 16.35
CA PRO A 698 22.73 22.53 17.59
C PRO A 698 22.79 24.05 17.70
N SER A 699 22.68 24.73 16.56
CA SER A 699 22.73 26.18 16.53
C SER A 699 21.53 26.83 17.19
N LYS A 700 21.66 28.13 17.44
CA LYS A 700 20.64 28.90 18.12
C LYS A 700 20.14 30.05 17.25
N MET A 701 19.23 30.83 17.78
CA MET A 701 18.56 31.88 17.02
C MET A 701 19.52 32.87 16.41
N ASP A 702 20.50 33.30 17.20
CA ASP A 702 21.53 34.21 16.74
C ASP A 702 22.29 33.64 15.55
N GLU A 703 22.81 32.43 15.74
CA GLU A 703 23.44 31.70 14.65
C GLU A 703 22.44 31.48 13.52
N TYR A 704 21.22 31.09 13.87
CA TYR A 704 20.16 31.03 12.87
C TYR A 704 19.95 32.40 12.23
N ASN A 705 19.75 33.41 13.06
CA ASN A 705 19.57 34.77 12.60
C ASN A 705 20.79 35.29 11.83
N MET A 706 21.99 35.00 12.35
CA MET A 706 23.22 35.37 11.67
C MET A 706 23.27 34.84 10.25
N ILE A 707 22.92 33.56 10.10
CA ILE A 707 22.97 32.88 8.82
C ILE A 707 22.10 33.53 7.75
N LYS A 708 21.00 34.14 8.16
CA LYS A 708 20.06 34.75 7.21
C LYS A 708 20.65 35.98 6.52
N ARG A 709 21.15 36.94 7.29
CA ARG A 709 21.73 38.14 6.70
C ARG A 709 22.81 37.79 5.68
N ALA A 710 23.65 36.83 6.04
CA ALA A 710 24.64 36.29 5.12
C ALA A 710 23.96 35.83 3.83
N LEU A 711 22.83 35.15 3.98
CA LEU A 711 22.11 34.64 2.84
C LEU A 711 21.37 35.74 2.09
N GLN A 712 21.06 36.83 2.78
CA GLN A 712 20.34 37.95 2.18
C GLN A 712 21.20 38.69 1.17
N ASN A 713 22.48 38.36 1.15
CA ASN A 713 23.46 39.09 0.35
C ASN A 713 23.76 38.41 -0.97
N GLU A 714 22.99 37.40 -1.32
CA GLU A 714 23.29 36.59 -2.49
C GLU A 714 22.19 36.59 -3.54
N THR A 715 22.52 36.02 -4.70
CA THR A 715 21.60 35.93 -5.82
C THR A 715 21.23 34.47 -6.06
N PHE A 716 20.07 34.24 -6.66
CA PHE A 716 19.63 32.90 -7.00
C PHE A 716 18.85 32.92 -8.31
N PRO A 717 18.62 31.75 -8.93
CA PRO A 717 17.94 31.70 -10.22
C PRO A 717 16.43 31.80 -10.10
N ASN A 718 15.81 32.52 -11.03
CA ASN A 718 14.36 32.57 -11.09
C ASN A 718 13.80 31.22 -11.50
N LYS A 719 13.12 30.55 -10.56
CA LYS A 719 12.53 29.24 -10.82
C LYS A 719 11.58 29.28 -12.01
N ASN A 720 10.78 30.34 -12.09
CA ASN A 720 9.72 30.45 -13.08
C ASN A 720 10.20 30.95 -14.44
N LYS A 721 10.51 30.02 -15.33
CA LYS A 721 11.02 30.35 -16.66
C LYS A 721 9.97 31.02 -17.55
N PHE A 722 8.80 31.34 -16.99
CA PHE A 722 7.80 32.10 -17.74
C PHE A 722 8.03 33.60 -17.58
N SER A 723 9.21 33.96 -17.09
CA SER A 723 9.62 35.36 -16.98
C SER A 723 11.03 35.55 -17.52
N LYS A 724 11.32 36.76 -18.00
CA LYS A 724 12.63 37.09 -18.56
C LYS A 724 13.57 37.64 -17.48
N LYS A 725 13.09 37.66 -16.25
CA LYS A 725 13.90 38.04 -15.11
C LYS A 725 14.65 36.83 -14.59
N LYS A 726 15.98 36.81 -14.74
CA LYS A 726 16.76 35.60 -14.50
C LYS A 726 17.39 35.54 -13.10
N VAL A 727 17.56 36.70 -12.48
CA VAL A 727 18.26 36.80 -11.21
C VAL A 727 17.33 37.29 -10.09
N LEU A 728 17.38 36.62 -8.94
CA LEU A 728 16.43 36.85 -7.87
C LEU A 728 17.08 37.11 -6.52
N THR A 729 16.53 38.06 -5.79
CA THR A 729 16.97 38.33 -4.43
C THR A 729 16.59 37.16 -3.53
N PHE A 730 17.20 37.07 -2.36
CA PHE A 730 16.84 36.03 -1.39
C PHE A 730 15.42 36.24 -0.89
N ASP A 731 15.06 37.48 -0.65
CA ASP A 731 13.75 37.81 -0.12
C ASP A 731 12.67 37.58 -1.19
N GLU A 732 13.09 37.37 -2.43
CA GLU A 732 12.14 37.22 -3.51
C GLU A 732 11.75 35.77 -3.71
N LEU A 733 12.56 34.87 -3.18
CA LEU A 733 12.22 33.45 -3.17
C LEU A 733 11.03 33.23 -2.27
N SER A 734 10.28 32.17 -2.50
CA SER A 734 9.21 31.79 -1.59
C SER A 734 9.79 31.54 -0.20
N TYR A 735 8.99 31.75 0.84
CA TYR A 735 9.42 31.42 2.20
C TYR A 735 9.88 29.96 2.23
N ALA A 736 9.17 29.13 1.47
CA ALA A 736 9.51 27.72 1.33
C ALA A 736 10.94 27.52 0.89
N ASP A 737 11.27 28.07 -0.27
CA ASP A 737 12.61 27.91 -0.84
C ASP A 737 13.66 28.52 0.07
N GLN A 738 13.35 29.69 0.62
CA GLN A 738 14.23 30.35 1.58
C GLN A 738 14.72 29.37 2.65
N VAL A 739 13.77 28.66 3.23
CA VAL A 739 14.07 27.76 4.33
C VAL A 739 14.98 26.61 3.91
N ILE A 740 14.99 26.30 2.62
CA ILE A 740 15.87 25.24 2.14
C ILE A 740 17.33 25.67 2.23
N HIS A 741 17.63 26.82 1.64
CA HIS A 741 18.98 27.38 1.72
C HIS A 741 19.41 27.45 3.17
N ILE A 742 18.60 28.14 3.96
CA ILE A 742 18.88 28.33 5.37
C ILE A 742 19.23 27.01 6.06
N LYS A 743 18.49 25.96 5.73
CA LYS A 743 18.78 24.64 6.30
C LYS A 743 20.14 24.13 5.84
N LYS A 744 20.38 24.21 4.53
CA LYS A 744 21.60 23.65 3.98
C LYS A 744 22.80 24.53 4.28
N ARG A 745 22.57 25.81 4.50
CA ARG A 745 23.65 26.68 4.94
C ARG A 745 23.91 26.48 6.42
N LEU A 746 22.85 26.30 7.20
CA LEU A 746 22.99 26.15 8.63
C LEU A 746 23.45 24.75 9.01
N THR A 747 23.22 23.78 8.12
CA THR A 747 23.68 22.43 8.40
C THR A 747 25.21 22.35 8.39
N GLU A 748 25.83 23.01 7.41
CA GLU A 748 27.28 23.04 7.35
C GLU A 748 27.86 23.81 8.54
N TYR A 749 27.39 25.02 8.79
CA TYR A 749 27.86 25.78 9.95
C TYR A 749 27.79 24.93 11.22
N SER A 750 26.72 24.15 11.35
CA SER A 750 26.55 23.30 12.51
C SER A 750 27.65 22.26 12.55
N ARG A 751 27.96 21.72 11.38
CA ARG A 751 28.97 20.68 11.25
C ARG A 751 30.33 21.16 11.74
N LYS A 752 30.73 22.34 11.29
CA LYS A 752 32.05 22.85 11.61
C LYS A 752 32.15 23.23 13.08
N VAL A 753 31.06 23.72 13.64
CA VAL A 753 31.12 24.38 14.93
C VAL A 753 30.74 23.52 16.13
N TYR A 754 29.94 22.47 15.91
CA TYR A 754 29.16 21.94 17.02
C TYR A 754 29.36 20.51 17.57
N HIS A 755 29.79 19.53 16.77
CA HIS A 755 30.02 19.65 15.35
C HIS A 755 29.22 18.55 14.67
N ARG A 756 27.93 18.55 14.94
CA ARG A 756 27.01 17.57 14.39
C ARG A 756 25.88 18.31 13.71
N VAL A 757 25.27 17.70 12.70
CA VAL A 757 24.18 18.37 12.02
C VAL A 757 22.88 18.34 12.83
N LYS A 758 22.50 17.16 13.29
CA LYS A 758 21.25 16.99 14.00
C LYS A 758 21.44 16.70 15.49
N VAL A 759 20.48 17.13 16.29
CA VAL A 759 20.31 16.63 17.63
C VAL A 759 18.93 16.03 17.69
N SER A 760 18.80 14.88 18.35
CA SER A 760 17.52 14.25 18.53
C SER A 760 17.17 14.31 20.02
N GLU A 761 15.92 14.61 20.35
CA GLU A 761 15.50 14.63 21.74
C GLU A 761 14.08 14.12 21.86
N ILE A 762 13.82 13.34 22.90
CA ILE A 762 12.54 12.69 23.06
C ILE A 762 11.82 13.28 24.25
N VAL A 763 10.61 13.75 24.01
CA VAL A 763 9.80 14.38 25.05
C VAL A 763 8.48 13.68 25.23
N GLU A 764 8.22 13.25 26.45
CA GLU A 764 6.95 12.66 26.77
C GLU A 764 5.92 13.77 26.84
N ARG A 765 4.76 13.56 26.24
CA ARG A 765 3.79 14.62 26.15
C ARG A 765 2.44 14.09 26.47
N GLU A 766 1.51 14.99 26.78
CA GLU A 766 0.21 14.52 27.20
C GLU A 766 -0.86 15.20 26.39
N ALA A 767 -1.97 14.52 26.17
CA ALA A 767 -3.05 15.12 25.42
C ALA A 767 -4.39 14.72 25.97
N ILE A 768 -5.38 15.57 25.72
CA ILE A 768 -6.74 15.35 26.19
C ILE A 768 -7.66 14.92 25.08
N VAL A 769 -8.23 13.74 25.24
CA VAL A 769 -9.18 13.20 24.28
C VAL A 769 -10.61 13.35 24.83
N CYS A 770 -11.38 14.36 24.41
CA CYS A 770 -12.75 14.49 24.91
C CYS A 770 -13.51 13.28 24.43
N GLN A 771 -14.33 12.73 25.31
CA GLN A 771 -14.95 11.44 25.09
C GLN A 771 -16.39 11.53 24.62
N ARG A 772 -16.85 12.74 24.31
CA ARG A 772 -18.25 12.95 23.93
C ARG A 772 -18.39 13.48 22.51
N GLU A 773 -17.27 13.88 21.95
CA GLU A 773 -17.23 14.47 20.62
C GLU A 773 -17.93 13.60 19.59
N ASN A 774 -18.39 14.22 18.50
CA ASN A 774 -18.96 13.47 17.40
C ASN A 774 -18.02 12.36 16.91
N PRO A 775 -18.39 11.09 17.07
CA PRO A 775 -17.49 9.97 16.77
C PRO A 775 -17.49 9.56 15.30
N PHE A 776 -17.82 10.47 14.40
CA PHE A 776 -17.97 10.14 13.00
C PHE A 776 -16.69 9.54 12.43
N TYR A 777 -15.53 10.05 12.85
CA TYR A 777 -14.25 9.55 12.37
C TYR A 777 -13.96 8.14 12.89
N VAL A 778 -14.00 8.00 14.20
CA VAL A 778 -13.65 6.75 14.82
C VAL A 778 -14.71 5.71 14.49
N ASP A 779 -15.92 6.17 14.19
CA ASP A 779 -16.99 5.26 13.82
C ASP A 779 -16.71 4.71 12.46
N THR A 780 -16.08 5.51 11.61
CA THR A 780 -15.76 5.07 10.26
C THR A 780 -14.72 3.98 10.30
N VAL A 781 -13.76 4.13 11.20
CA VAL A 781 -12.72 3.16 11.39
C VAL A 781 -13.34 1.86 11.85
N LYS A 782 -14.32 1.95 12.72
CA LYS A 782 -14.95 0.79 13.32
C LYS A 782 -15.71 0.04 12.29
N SER A 783 -16.37 0.76 11.42
CA SER A 783 -17.15 0.15 10.38
C SER A 783 -16.28 -0.59 9.39
N PHE A 784 -15.12 -0.04 9.09
CA PHE A 784 -14.22 -0.63 8.12
C PHE A 784 -13.43 -1.76 8.76
N ARG A 785 -13.23 -1.69 10.06
CA ARG A 785 -12.59 -2.78 10.74
C ARG A 785 -13.49 -4.01 10.65
N ASP A 786 -14.76 -3.84 11.01
CA ASP A 786 -15.73 -4.91 11.00
C ASP A 786 -15.83 -5.54 9.61
N ARG A 787 -15.73 -4.70 8.58
CA ARG A 787 -15.74 -5.16 7.20
C ARG A 787 -14.59 -6.11 6.92
N ARG A 788 -13.46 -5.91 7.59
CA ARG A 788 -12.30 -6.75 7.36
C ARG A 788 -12.32 -8.00 8.24
N TYR A 789 -12.82 -7.87 9.46
CA TYR A 789 -12.88 -8.99 10.38
C TYR A 789 -13.70 -10.15 9.85
N GLU A 790 -14.69 -9.87 9.03
CA GLU A 790 -15.53 -10.94 8.50
C GLU A 790 -14.72 -11.81 7.55
N PHE A 791 -14.12 -11.19 6.55
CA PHE A 791 -13.18 -11.87 5.68
C PHE A 791 -12.13 -12.62 6.48
N LYS A 792 -11.76 -12.06 7.62
CA LYS A 792 -10.69 -12.59 8.43
C LYS A 792 -11.24 -13.77 9.19
N GLY A 793 -12.53 -13.72 9.41
CA GLY A 793 -13.20 -14.79 10.11
C GLY A 793 -13.29 -15.99 9.22
N LEU A 794 -14.07 -15.90 8.15
CA LEU A 794 -14.35 -17.08 7.36
C LEU A 794 -13.07 -17.60 6.70
N ALA A 795 -12.12 -16.71 6.43
CA ALA A 795 -10.81 -17.15 5.96
C ALA A 795 -10.13 -17.96 7.05
N LYS A 796 -10.66 -17.87 8.27
CA LYS A 796 -10.19 -18.68 9.37
C LYS A 796 -11.02 -19.94 9.44
N THR A 797 -12.24 -19.87 8.92
CA THR A 797 -13.09 -21.04 8.85
C THR A 797 -12.52 -22.03 7.84
N TRP A 798 -12.10 -21.52 6.69
CA TRP A 798 -11.56 -22.38 5.64
C TRP A 798 -10.18 -22.91 6.01
N LYS A 799 -9.41 -22.11 6.72
CA LYS A 799 -8.23 -22.64 7.40
C LYS A 799 -8.73 -23.64 8.41
N GLY A 800 -9.79 -23.26 9.13
CA GLY A 800 -10.40 -24.14 10.10
C GLY A 800 -10.87 -25.41 9.43
N ASN A 801 -11.66 -25.26 8.38
CA ASN A 801 -12.16 -26.39 7.61
C ASN A 801 -11.05 -27.31 7.17
N LEU A 802 -10.19 -26.83 6.28
CA LEU A 802 -9.07 -27.59 5.72
C LEU A 802 -8.53 -28.62 6.70
N SER A 803 -7.83 -28.13 7.72
CA SER A 803 -7.29 -28.98 8.79
C SER A 803 -8.04 -30.28 9.06
N LYS A 804 -9.37 -30.25 8.95
CA LYS A 804 -10.20 -31.41 9.23
C LYS A 804 -11.27 -31.65 8.18
N ILE A 805 -11.29 -32.87 7.62
CA ILE A 805 -12.22 -33.32 6.56
C ILE A 805 -11.49 -33.38 5.21
N ASP A 806 -11.25 -32.21 4.61
CA ASP A 806 -10.50 -32.14 3.35
C ASP A 806 -8.99 -32.42 3.46
N PRO A 807 -8.45 -32.69 4.68
CA PRO A 807 -7.05 -33.09 4.72
C PRO A 807 -6.88 -34.57 4.38
N SER A 808 -8.00 -35.28 4.27
CA SER A 808 -7.96 -36.64 3.80
C SER A 808 -7.73 -36.62 2.29
N ASP A 809 -6.57 -37.12 1.87
CA ASP A 809 -6.32 -37.31 0.44
C ASP A 809 -6.40 -38.79 0.11
N LYS A 810 -6.86 -39.13 -1.09
CA LYS A 810 -7.11 -38.19 -2.19
C LYS A 810 -8.11 -37.06 -1.90
N HIS A 811 -7.96 -35.97 -2.65
CA HIS A 811 -9.01 -34.96 -2.76
C HIS A 811 -8.71 -33.82 -3.73
N ALA A 812 -9.79 -33.24 -4.24
CA ALA A 812 -9.72 -32.04 -5.05
C ALA A 812 -9.99 -30.85 -4.14
N ARG A 813 -9.39 -30.88 -2.96
CA ARG A 813 -9.48 -29.77 -2.02
C ARG A 813 -8.17 -29.58 -1.26
N ASP A 814 -7.27 -28.73 -1.74
CA ASP A 814 -7.29 -28.04 -3.04
C ASP A 814 -8.31 -26.90 -3.20
N GLU A 815 -9.60 -27.18 -2.97
CA GLU A 815 -10.61 -26.11 -3.04
C GLU A 815 -10.60 -25.29 -1.76
N ALA A 816 -10.40 -25.96 -0.63
CA ALA A 816 -10.26 -25.29 0.64
C ALA A 816 -9.03 -24.39 0.60
N LYS A 817 -7.96 -24.93 0.03
CA LYS A 817 -6.72 -24.18 -0.15
C LYS A 817 -6.93 -22.95 -1.05
N LYS A 818 -7.90 -23.05 -1.96
CA LYS A 818 -8.21 -21.99 -2.92
C LYS A 818 -9.13 -20.94 -2.32
N MET A 819 -9.95 -21.35 -1.36
CA MET A 819 -10.77 -20.40 -0.62
C MET A 819 -9.88 -19.49 0.22
N ILE A 820 -9.01 -20.10 1.00
CA ILE A 820 -8.11 -19.38 1.87
C ILE A 820 -7.27 -18.33 1.14
N VAL A 821 -6.67 -18.71 0.02
CA VAL A 821 -5.82 -17.77 -0.72
C VAL A 821 -6.66 -16.58 -1.12
N LEU A 822 -7.92 -16.84 -1.40
CA LEU A 822 -8.78 -15.80 -1.94
C LEU A 822 -9.30 -14.90 -0.85
N TYR A 823 -9.50 -15.45 0.34
CA TYR A 823 -10.03 -14.69 1.45
C TYR A 823 -8.96 -13.94 2.19
N ASP A 824 -7.87 -14.64 2.45
CA ASP A 824 -6.74 -14.02 3.10
C ASP A 824 -6.26 -12.87 2.23
N SER A 825 -6.50 -12.96 0.92
CA SER A 825 -6.14 -11.87 0.02
C SER A 825 -7.09 -10.69 0.18
N LEU A 826 -8.37 -10.98 0.41
CA LEU A 826 -9.38 -9.93 0.58
C LEU A 826 -9.23 -9.26 1.92
N GLN A 827 -9.03 -10.06 2.95
CA GLN A 827 -8.82 -9.53 4.28
C GLN A 827 -7.50 -8.77 4.30
N LEU A 828 -6.52 -9.22 3.54
CA LEU A 828 -5.26 -8.49 3.46
C LEU A 828 -5.39 -7.20 2.68
N ALA A 829 -6.26 -7.17 1.69
CA ALA A 829 -6.37 -6.03 0.80
C ALA A 829 -7.13 -4.93 1.47
N HIS A 830 -7.66 -5.24 2.63
CA HIS A 830 -8.37 -4.28 3.42
C HIS A 830 -7.41 -3.73 4.46
N LYS A 831 -6.39 -4.52 4.74
CA LYS A 831 -5.49 -4.22 5.84
C LYS A 831 -4.76 -2.91 5.65
N VAL A 832 -4.27 -2.63 4.46
CA VAL A 832 -3.52 -1.40 4.26
C VAL A 832 -4.45 -0.21 4.28
N ILE A 833 -5.65 -0.35 3.74
CA ILE A 833 -6.61 0.74 3.78
C ILE A 833 -6.99 1.02 5.22
N LEU A 834 -7.30 -0.02 5.98
CA LEU A 834 -7.71 0.14 7.37
C LEU A 834 -6.68 0.92 8.18
N ASN A 835 -5.45 0.43 8.17
CA ASN A 835 -4.35 1.06 8.88
C ASN A 835 -3.99 2.43 8.35
N SER A 836 -4.53 2.81 7.20
CA SER A 836 -4.32 4.15 6.67
C SER A 836 -5.25 5.15 7.35
N PHE A 837 -6.23 4.66 8.10
CA PHE A 837 -7.10 5.55 8.83
C PHE A 837 -6.26 6.14 9.95
N TYR A 838 -5.25 5.40 10.35
CA TYR A 838 -4.32 5.84 11.36
C TYR A 838 -3.30 6.76 10.74
N GLY A 839 -2.73 6.35 9.63
CA GLY A 839 -1.72 7.15 8.96
C GLY A 839 -2.26 8.45 8.43
N TYR A 840 -3.52 8.45 8.06
CA TYR A 840 -4.16 9.64 7.48
C TYR A 840 -4.01 10.90 8.33
N VAL A 841 -4.01 10.76 9.65
CA VAL A 841 -3.90 11.91 10.52
C VAL A 841 -2.56 12.62 10.41
N MET A 842 -1.68 12.08 9.56
CA MET A 842 -0.29 12.50 9.47
C MET A 842 0.11 12.80 8.05
N ARG A 843 -0.78 12.54 7.11
CA ARG A 843 -0.50 12.69 5.69
C ARG A 843 -0.55 14.15 5.29
N LYS A 844 0.15 14.48 4.23
CA LYS A 844 0.15 15.84 3.73
C LYS A 844 -1.19 16.15 3.14
N GLY A 845 -1.74 17.30 3.49
CA GLY A 845 -3.00 17.77 2.91
C GLY A 845 -4.18 17.06 3.53
N SER A 846 -3.91 16.31 4.59
CA SER A 846 -4.93 15.71 5.39
C SER A 846 -5.98 16.74 5.79
N ARG A 847 -7.26 16.39 5.74
CA ARG A 847 -8.30 17.26 6.26
C ARG A 847 -8.46 17.08 7.76
N TRP A 848 -7.90 16.01 8.29
CA TRP A 848 -8.01 15.73 9.70
C TRP A 848 -6.65 15.42 10.29
N TYR A 849 -5.81 16.45 10.39
CA TYR A 849 -4.46 16.30 10.86
C TYR A 849 -4.34 16.30 12.39
N SER A 850 -3.64 15.31 12.92
CA SER A 850 -3.33 15.31 14.33
C SER A 850 -2.12 14.48 14.64
N MET A 851 -1.01 15.09 15.03
CA MET A 851 0.16 14.32 15.43
C MET A 851 -0.04 13.68 16.79
N GLU A 852 -0.78 14.34 17.66
CA GLU A 852 -1.04 13.81 18.98
C GLU A 852 -1.71 12.47 18.90
N MET A 853 -2.69 12.35 18.01
CA MET A 853 -3.47 11.12 17.98
C MET A 853 -2.61 9.96 17.53
N ALA A 854 -1.81 10.22 16.52
CA ALA A 854 -0.90 9.23 15.99
C ALA A 854 0.12 8.80 17.03
N GLY A 855 0.62 9.75 17.81
CA GLY A 855 1.57 9.45 18.85
C GLY A 855 0.98 8.62 19.95
N ILE A 856 -0.24 8.97 20.34
CA ILE A 856 -0.98 8.28 21.38
C ILE A 856 -1.34 6.85 21.01
N THR A 857 -1.67 6.62 19.75
CA THR A 857 -1.96 5.27 19.30
C THR A 857 -0.72 4.41 19.44
N CYS A 858 0.41 4.97 19.03
CA CYS A 858 1.67 4.24 19.04
C CYS A 858 2.19 4.02 20.45
N LEU A 859 2.05 5.00 21.33
CA LEU A 859 2.60 4.79 22.67
C LEU A 859 1.79 3.78 23.44
N THR A 860 0.49 3.76 23.20
CA THR A 860 -0.36 2.80 23.86
C THR A 860 0.00 1.40 23.41
N GLY A 861 0.29 1.26 22.13
CA GLY A 861 0.67 -0.03 21.58
C GLY A 861 1.97 -0.50 22.16
N ALA A 862 2.95 0.38 22.18
CA ALA A 862 4.23 0.08 22.80
C ALA A 862 4.04 -0.42 24.21
N THR A 863 3.22 0.29 24.99
CA THR A 863 2.90 -0.12 26.36
C THR A 863 2.25 -1.49 26.40
N ILE A 864 1.29 -1.75 25.52
CA ILE A 864 0.64 -3.06 25.53
C ILE A 864 1.59 -4.22 25.22
N ILE A 865 2.37 -4.11 24.16
CA ILE A 865 3.29 -5.19 23.77
C ILE A 865 4.42 -5.40 24.80
N GLN A 866 4.87 -4.34 25.47
CA GLN A 866 5.89 -4.50 26.52
C GLN A 866 5.30 -5.12 27.78
N MET A 867 4.00 -4.92 28.02
CA MET A 867 3.36 -5.63 29.11
C MET A 867 3.33 -7.12 28.83
N ALA A 868 2.93 -7.48 27.62
CA ALA A 868 2.87 -8.87 27.22
C ALA A 868 4.23 -9.52 27.31
N ARG A 869 5.24 -8.86 26.81
CA ARG A 869 6.59 -9.42 26.81
C ARG A 869 7.06 -9.70 28.23
N ALA A 870 6.71 -8.78 29.13
CA ALA A 870 7.17 -8.89 30.50
C ALA A 870 6.59 -10.12 31.16
N LEU A 871 5.38 -10.49 30.77
CA LEU A 871 4.77 -11.69 31.31
C LEU A 871 5.43 -12.92 30.75
N VAL A 872 5.55 -12.99 29.43
CA VAL A 872 6.13 -14.15 28.76
C VAL A 872 7.57 -14.35 29.18
N GLU A 873 8.25 -13.25 29.48
CA GLU A 873 9.64 -13.29 29.90
C GLU A 873 9.82 -14.13 31.16
N ARG A 874 8.71 -14.43 31.81
CA ARG A 874 8.74 -15.01 33.13
C ARG A 874 8.16 -16.42 33.13
N VAL A 875 7.67 -16.85 31.99
CA VAL A 875 7.09 -18.17 31.91
C VAL A 875 7.56 -18.86 30.65
N GLY A 876 8.56 -18.27 30.01
CA GLY A 876 9.10 -18.83 28.79
C GLY A 876 10.16 -17.89 28.29
N ARG A 877 10.56 -18.06 27.03
CA ARG A 877 11.49 -17.13 26.39
C ARG A 877 10.92 -16.52 25.13
N PRO A 878 10.71 -15.21 25.15
CA PRO A 878 10.43 -14.42 23.97
C PRO A 878 11.65 -14.29 23.08
N LEU A 879 11.50 -14.58 21.80
CA LEU A 879 12.61 -14.57 20.86
C LEU A 879 12.72 -13.28 20.06
N GLU A 880 11.58 -12.74 19.65
CA GLU A 880 11.55 -11.49 18.88
C GLU A 880 10.17 -10.83 19.01
N LEU A 881 10.15 -9.51 18.88
CA LEU A 881 8.96 -8.72 19.17
C LEU A 881 8.88 -7.56 18.21
N ASP A 882 7.73 -7.36 17.61
CA ASP A 882 7.54 -6.26 16.68
C ASP A 882 6.16 -5.60 16.79
N THR A 883 6.12 -4.41 17.40
CA THR A 883 4.92 -3.57 17.49
C THR A 883 3.73 -4.22 18.19
N ASP A 884 3.31 -5.39 17.77
CA ASP A 884 2.15 -6.01 18.39
C ASP A 884 2.19 -7.52 18.34
N GLY A 885 3.36 -8.08 18.09
CA GLY A 885 3.50 -9.51 18.04
C GLY A 885 4.70 -9.97 18.82
N ILE A 886 4.60 -11.16 19.37
CA ILE A 886 5.72 -11.77 20.04
C ILE A 886 5.93 -13.15 19.48
N TRP A 887 7.16 -13.48 19.13
CA TRP A 887 7.51 -14.86 18.85
C TRP A 887 8.16 -15.37 20.11
N CYS A 888 7.71 -16.49 20.64
CA CYS A 888 8.33 -17.00 21.85
C CYS A 888 8.35 -18.52 21.93
N ILE A 889 9.12 -19.05 22.86
CA ILE A 889 8.99 -20.45 23.20
C ILE A 889 8.42 -20.57 24.60
N LEU A 890 7.51 -21.51 24.78
CA LEU A 890 7.04 -21.93 26.09
C LEU A 890 7.38 -23.39 26.23
N PRO A 891 7.52 -23.87 27.46
CA PRO A 891 7.77 -25.29 27.69
C PRO A 891 6.56 -26.13 27.28
N LYS A 892 6.76 -27.36 26.83
CA LYS A 892 5.63 -28.21 26.49
C LYS A 892 4.68 -28.41 27.67
N SER A 893 5.19 -28.24 28.88
CA SER A 893 4.38 -28.43 30.08
C SER A 893 3.34 -27.33 30.26
N PHE A 894 3.53 -26.20 29.58
CA PHE A 894 2.60 -25.09 29.70
C PHE A 894 1.26 -25.47 29.10
N PRO A 895 0.18 -25.18 29.82
CA PRO A 895 -1.14 -25.54 29.32
C PRO A 895 -1.45 -24.78 28.03
N GLU A 896 -2.13 -25.42 27.10
CA GLU A 896 -2.36 -24.79 25.82
C GLU A 896 -3.83 -24.65 25.48
N THR A 897 -4.29 -25.57 24.65
CA THR A 897 -5.64 -25.56 24.13
C THR A 897 -6.59 -26.36 24.98
N TYR A 898 -7.82 -25.89 25.06
CA TYR A 898 -8.87 -26.60 25.76
C TYR A 898 -10.15 -26.24 25.06
N PHE A 899 -11.20 -27.02 25.30
CA PHE A 899 -12.50 -26.69 24.78
C PHE A 899 -13.53 -26.67 25.89
N PHE A 900 -14.32 -25.61 25.92
CA PHE A 900 -15.44 -25.51 26.83
C PHE A 900 -16.63 -26.23 26.22
N THR A 901 -17.38 -26.94 27.07
CA THR A 901 -18.59 -27.60 26.61
C THR A 901 -19.84 -26.81 27.02
N LEU A 902 -20.84 -26.86 26.16
CA LEU A 902 -22.10 -26.20 26.45
C LEU A 902 -23.19 -27.20 26.76
N GLU A 903 -24.28 -26.70 27.32
CA GLU A 903 -25.47 -27.52 27.48
C GLU A 903 -25.97 -27.88 26.09
N ASN A 904 -25.64 -27.04 25.11
CA ASN A 904 -26.07 -27.26 23.73
C ASN A 904 -25.13 -28.19 22.98
N GLY A 905 -24.04 -28.56 23.63
CA GLY A 905 -23.07 -29.47 23.05
C GLY A 905 -22.01 -28.76 22.23
N LYS A 906 -22.26 -27.50 21.92
CA LYS A 906 -21.28 -26.71 21.19
C LYS A 906 -20.04 -26.48 22.05
N LYS A 907 -18.89 -26.40 21.39
CA LYS A 907 -17.62 -26.26 22.07
C LYS A 907 -16.99 -24.89 21.79
N LEU A 908 -16.56 -24.23 22.85
CA LEU A 908 -15.83 -22.97 22.76
C LEU A 908 -14.36 -23.23 22.88
N TYR A 909 -13.59 -22.67 21.97
CA TYR A 909 -12.15 -22.87 21.94
C TYR A 909 -11.40 -21.88 22.84
N LEU A 910 -10.39 -22.36 23.55
CA LEU A 910 -9.55 -21.50 24.39
C LEU A 910 -8.07 -21.83 24.25
N SER A 911 -7.24 -20.81 24.12
CA SER A 911 -5.80 -21.02 24.11
C SER A 911 -5.19 -20.26 25.27
N TYR A 912 -4.95 -20.97 26.36
CA TYR A 912 -4.61 -20.32 27.61
C TYR A 912 -3.52 -19.27 27.51
N PRO A 913 -2.50 -19.50 26.68
CA PRO A 913 -1.44 -18.49 26.63
C PRO A 913 -1.93 -17.23 25.94
N CYS A 914 -2.92 -17.37 25.08
CA CYS A 914 -3.48 -16.21 24.43
C CYS A 914 -4.42 -15.51 25.39
N SER A 915 -5.41 -16.24 25.85
CA SER A 915 -6.40 -15.69 26.76
C SER A 915 -5.76 -15.19 28.04
N MET A 916 -4.60 -15.72 28.39
CA MET A 916 -3.96 -15.24 29.61
C MET A 916 -3.48 -13.82 29.38
N LEU A 917 -3.01 -13.54 28.17
CA LEU A 917 -2.59 -12.19 27.84
C LEU A 917 -3.79 -11.26 27.73
N ASN A 918 -4.83 -11.74 27.07
CA ASN A 918 -5.98 -10.89 26.78
C ASN A 918 -6.75 -10.45 28.03
N TYR A 919 -6.86 -11.32 29.03
CA TYR A 919 -7.50 -10.95 30.27
C TYR A 919 -6.76 -9.78 30.89
N ARG A 920 -5.43 -9.82 30.79
CA ARG A 920 -4.58 -8.81 31.38
C ARG A 920 -4.60 -7.49 30.62
N VAL A 921 -4.76 -7.58 29.32
CA VAL A 921 -4.88 -6.38 28.52
C VAL A 921 -6.12 -5.64 28.95
N HIS A 922 -7.23 -6.37 29.05
CA HIS A 922 -8.52 -5.79 29.39
C HIS A 922 -8.60 -5.31 30.82
N GLN A 923 -7.81 -5.90 31.70
CA GLN A 923 -7.70 -5.39 33.04
C GLN A 923 -6.99 -4.03 33.06
N LYS A 924 -6.08 -3.80 32.12
CA LYS A 924 -5.25 -2.60 32.20
C LYS A 924 -5.48 -1.55 31.12
N PHE A 925 -6.04 -1.92 29.99
CA PHE A 925 -6.08 -0.98 28.87
C PHE A 925 -7.50 -0.77 28.42
N THR A 926 -8.44 -1.09 29.28
CA THR A 926 -9.84 -0.83 28.98
C THR A 926 -10.13 0.65 29.16
N ASN A 927 -10.95 1.20 28.27
CA ASN A 927 -11.44 2.56 28.40
C ASN A 927 -12.72 2.58 29.22
N HIS A 928 -12.67 3.14 30.42
CA HIS A 928 -13.84 3.15 31.28
C HIS A 928 -14.62 4.46 31.17
N GLN A 929 -14.11 5.35 30.32
CA GLN A 929 -14.65 6.69 30.19
C GLN A 929 -15.38 6.88 28.87
N TYR A 930 -15.60 5.81 28.14
CA TYR A 930 -16.18 5.90 26.81
C TYR A 930 -17.61 6.40 26.89
N GLN A 931 -17.91 7.51 26.23
CA GLN A 931 -19.27 8.05 26.24
C GLN A 931 -19.98 8.04 24.90
N GLU A 932 -21.31 8.08 24.95
CA GLU A 932 -22.11 8.03 23.73
C GLU A 932 -23.47 8.73 23.86
N LEU A 933 -24.01 9.19 22.73
CA LEU A 933 -25.37 9.74 22.69
C LEU A 933 -26.43 8.66 22.76
N LYS A 934 -27.13 8.58 23.89
CA LYS A 934 -28.30 7.72 23.95
C LYS A 934 -29.52 8.50 23.45
N ASP A 935 -29.57 9.78 23.77
CA ASP A 935 -30.71 10.62 23.40
C ASP A 935 -30.24 11.92 22.76
N PRO A 936 -30.24 11.98 21.42
CA PRO A 936 -29.76 13.15 20.69
C PRO A 936 -30.63 14.39 20.90
N LEU A 937 -31.94 14.23 20.99
CA LEU A 937 -32.83 15.36 21.15
C LEU A 937 -32.62 16.01 22.51
N ASN A 938 -32.33 15.18 23.50
CA ASN A 938 -32.12 15.65 24.85
C ASN A 938 -30.66 15.72 25.23
N TYR A 939 -29.78 15.39 24.29
CA TYR A 939 -28.34 15.42 24.52
C TYR A 939 -27.94 14.69 25.79
N ILE A 940 -28.33 13.43 25.87
CA ILE A 940 -28.04 12.61 27.03
C ILE A 940 -26.99 11.54 26.69
N TYR A 941 -25.94 11.48 27.50
CA TYR A 941 -24.84 10.56 27.25
C TYR A 941 -24.80 9.45 28.27
N GLU A 942 -24.57 8.22 27.81
CA GLU A 942 -24.30 7.15 28.75
C GLU A 942 -22.86 6.70 28.62
N THR A 943 -22.32 6.29 29.75
CA THR A 943 -20.92 5.92 29.85
C THR A 943 -20.78 4.42 29.95
N HIS A 944 -19.76 3.87 29.31
CA HIS A 944 -19.54 2.45 29.41
C HIS A 944 -18.14 2.06 28.99
N SER A 945 -17.79 0.81 29.26
CA SER A 945 -16.43 0.34 29.08
C SER A 945 -16.20 -0.23 27.71
N GLU A 946 -15.16 0.24 27.03
CA GLU A 946 -14.84 -0.24 25.69
C GLU A 946 -13.44 -0.82 25.64
N ASN A 947 -13.30 -1.96 24.99
CA ASN A 947 -11.99 -2.54 24.74
C ASN A 947 -12.08 -3.62 23.67
N THR A 948 -11.45 -3.40 22.53
CA THR A 948 -11.51 -4.36 21.45
C THR A 948 -10.12 -4.84 21.04
N ILE A 949 -9.17 -4.72 21.96
CA ILE A 949 -7.82 -5.18 21.75
C ILE A 949 -7.70 -6.65 22.14
N PHE A 950 -7.32 -7.49 21.19
CA PHE A 950 -7.16 -8.93 21.43
C PHE A 950 -5.96 -9.51 20.73
N PHE A 951 -5.07 -10.14 21.48
CA PHE A 951 -4.07 -11.03 20.91
C PHE A 951 -4.76 -12.23 20.30
N GLU A 952 -4.32 -12.66 19.13
CA GLU A 952 -4.67 -14.00 18.71
C GLU A 952 -3.42 -14.78 18.45
N VAL A 953 -3.54 -16.09 18.49
CA VAL A 953 -2.39 -16.96 18.49
C VAL A 953 -2.36 -17.85 17.26
N ASP A 954 -1.16 -18.20 16.82
CA ASP A 954 -0.99 -19.11 15.71
C ASP A 954 0.17 -20.02 16.03
N GLY A 955 0.16 -21.23 15.49
CA GLY A 955 1.14 -22.24 15.87
C GLY A 955 0.55 -23.20 16.87
N PRO A 956 1.39 -24.04 17.49
CA PRO A 956 2.86 -24.05 17.47
C PRO A 956 3.48 -24.53 16.19
N TYR A 957 4.74 -24.19 16.04
CA TYR A 957 5.46 -24.44 14.81
C TYR A 957 6.58 -25.45 15.01
N LYS A 958 7.18 -25.87 13.91
CA LYS A 958 8.22 -26.87 13.97
C LYS A 958 9.57 -26.24 14.24
N ALA A 959 9.78 -25.04 13.71
CA ALA A 959 11.07 -24.41 13.85
C ALA A 959 11.06 -22.91 13.58
N MET A 960 11.89 -22.19 14.31
CA MET A 960 12.17 -20.79 14.01
C MET A 960 13.66 -20.49 14.12
N ILE A 961 14.24 -19.96 13.07
CA ILE A 961 15.66 -19.61 13.03
C ILE A 961 15.84 -18.10 13.01
N LEU A 962 16.64 -17.57 13.91
CA LEU A 962 16.82 -16.13 14.01
C LEU A 962 18.28 -15.71 13.87
N PRO A 963 18.53 -14.74 13.00
CA PRO A 963 19.90 -14.30 12.71
C PRO A 963 20.48 -13.54 13.87
N SER A 964 21.78 -13.30 13.83
CA SER A 964 22.43 -12.49 14.84
C SER A 964 23.38 -11.49 14.23
N SER A 965 23.62 -10.40 14.92
CA SER A 965 24.43 -9.32 14.41
C SER A 965 25.89 -9.73 14.33
N LYS A 966 26.68 -8.95 13.60
CA LYS A 966 28.13 -9.06 13.60
C LYS A 966 28.71 -8.23 14.74
N GLU A 967 28.10 -7.06 14.97
CA GLU A 967 28.43 -6.19 16.10
C GLU A 967 28.03 -6.81 17.42
N GLU A 968 28.85 -6.65 18.45
CA GLU A 968 28.63 -7.33 19.72
C GLU A 968 27.39 -6.88 20.50
N GLY A 969 26.67 -7.85 21.05
CA GLY A 969 25.56 -7.55 21.93
C GLY A 969 24.30 -7.11 21.21
N LYS A 970 24.45 -6.54 20.01
CA LYS A 970 23.31 -6.20 19.17
C LYS A 970 22.84 -7.41 18.36
N GLY A 971 21.55 -7.45 18.08
CA GLY A 971 20.96 -8.53 17.31
C GLY A 971 20.45 -8.03 15.99
N ILE A 972 19.67 -8.86 15.31
CA ILE A 972 19.02 -8.49 14.06
C ILE A 972 17.52 -8.47 14.27
N LYS A 973 16.88 -7.35 13.98
CA LYS A 973 15.43 -7.29 14.09
C LYS A 973 14.76 -7.50 12.72
N LYS A 974 13.54 -8.03 12.74
CA LYS A 974 12.71 -8.12 11.55
C LYS A 974 13.25 -9.07 10.50
N ARG A 975 13.85 -10.17 10.95
CA ARG A 975 14.33 -11.19 10.05
C ARG A 975 14.27 -12.53 10.74
N TYR A 976 13.63 -13.49 10.10
CA TYR A 976 13.54 -14.83 10.64
C TYR A 976 12.82 -15.77 9.70
N ALA A 977 12.90 -17.05 10.00
CA ALA A 977 12.25 -18.08 9.20
C ALA A 977 11.47 -19.00 10.11
N VAL A 978 10.22 -19.29 9.78
CA VAL A 978 9.42 -20.22 10.59
C VAL A 978 8.86 -21.36 9.76
N PHE A 979 8.94 -22.57 10.28
CA PHE A 979 8.52 -23.73 9.51
C PHE A 979 7.37 -24.44 10.18
N ASN A 980 6.42 -24.87 9.36
CA ASN A 980 5.32 -25.68 9.81
C ASN A 980 5.78 -27.09 10.16
N GLU A 981 4.92 -27.89 10.77
CA GLU A 981 5.34 -29.23 11.09
C GLU A 981 5.42 -30.05 9.82
N ASP A 982 4.55 -29.78 8.85
CA ASP A 982 4.59 -30.57 7.63
C ASP A 982 5.85 -30.29 6.83
N GLY A 983 6.73 -29.48 7.40
CA GLY A 983 8.04 -29.18 6.81
C GLY A 983 8.08 -27.96 5.91
N SER A 984 6.92 -27.39 5.62
CA SER A 984 6.81 -26.24 4.74
C SER A 984 7.25 -24.93 5.39
N LEU A 985 7.60 -23.96 4.56
CA LEU A 985 7.93 -22.64 5.05
C LEU A 985 6.66 -21.92 5.48
N ALA A 986 6.58 -21.57 6.77
CA ALA A 986 5.43 -20.81 7.26
C ALA A 986 5.63 -19.34 6.99
N GLU A 987 6.83 -18.85 7.27
CA GLU A 987 7.13 -17.45 7.17
C GLU A 987 8.61 -17.19 6.94
N LEU A 988 8.90 -16.38 5.93
CA LEU A 988 10.22 -15.81 5.77
C LEU A 988 10.08 -14.31 5.83
N LYS A 989 10.76 -13.66 6.77
CA LYS A 989 10.69 -12.22 6.89
C LYS A 989 12.03 -11.54 6.72
N GLY A 990 12.08 -10.57 5.85
CA GLY A 990 13.13 -9.59 5.92
C GLY A 990 14.32 -9.87 5.05
N PHE A 991 14.75 -11.12 5.03
CA PHE A 991 15.94 -11.51 4.30
C PHE A 991 16.03 -11.10 2.83
N GLU A 992 17.26 -10.93 2.37
CA GLU A 992 17.62 -10.59 0.98
C GLU A 992 16.88 -11.45 -0.02
N LEU A 993 16.66 -12.72 0.33
CA LEU A 993 15.92 -13.65 -0.52
C LEU A 993 14.60 -13.08 -1.02
N LYS A 994 13.98 -12.25 -0.21
CA LYS A 994 12.62 -11.80 -0.41
C LYS A 994 12.59 -10.40 -1.03
N ARG A 995 13.71 -9.68 -0.87
CA ARG A 995 13.85 -8.31 -1.30
C ARG A 995 14.05 -8.17 -2.78
N ARG A 996 13.72 -7.01 -3.30
CA ARG A 996 13.91 -6.77 -4.70
C ARG A 996 15.35 -6.33 -4.89
N GLY A 997 15.97 -6.87 -5.93
CA GLY A 997 17.38 -6.64 -6.15
C GLY A 997 18.25 -7.46 -5.23
N GLU A 998 19.22 -6.81 -4.61
CA GLU A 998 20.17 -7.52 -3.76
C GLU A 998 21.03 -8.44 -4.60
N LEU A 999 22.08 -8.97 -4.00
CA LEU A 999 23.00 -9.89 -4.68
C LEU A 999 22.44 -11.29 -4.82
N GLN A 1000 22.35 -11.78 -6.04
CA GLN A 1000 21.63 -13.01 -6.34
C GLN A 1000 22.26 -14.23 -5.69
N LEU A 1001 23.56 -14.17 -5.46
CA LEU A 1001 24.25 -15.25 -4.79
C LEU A 1001 23.68 -15.42 -3.40
N ILE A 1002 23.46 -14.31 -2.72
CA ILE A 1002 22.92 -14.34 -1.37
C ILE A 1002 21.48 -14.85 -1.37
N LYS A 1003 20.69 -14.42 -2.34
CA LYS A 1003 19.32 -14.88 -2.44
C LYS A 1003 19.27 -16.38 -2.59
N ASN A 1004 20.03 -16.91 -3.53
CA ASN A 1004 20.06 -18.35 -3.76
C ASN A 1004 20.59 -19.10 -2.55
N PHE A 1005 21.72 -18.64 -2.00
CA PHE A 1005 22.30 -19.26 -0.82
C PHE A 1005 21.32 -19.33 0.33
N GLN A 1006 20.54 -18.27 0.49
CA GLN A 1006 19.55 -18.20 1.56
C GLN A 1006 18.41 -19.14 1.27
N SER A 1007 18.00 -19.17 0.01
CA SER A 1007 16.97 -20.11 -0.44
C SER A 1007 17.36 -21.53 -0.10
N ASP A 1008 18.62 -21.86 -0.38
CA ASP A 1008 19.17 -23.16 -0.09
C ASP A 1008 19.20 -23.46 1.38
N ILE A 1009 19.64 -22.49 2.17
CA ILE A 1009 20.09 -22.80 3.50
C ILE A 1009 19.01 -23.04 4.54
N PHE A 1010 17.89 -22.36 4.46
CA PHE A 1010 16.97 -22.36 5.60
C PHE A 1010 16.33 -23.70 5.88
N LYS A 1011 15.90 -24.41 4.84
CA LYS A 1011 15.23 -25.70 5.01
C LYS A 1011 16.15 -26.74 5.63
N VAL A 1012 17.45 -26.53 5.51
CA VAL A 1012 18.43 -27.46 6.06
C VAL A 1012 18.52 -27.39 7.58
N PHE A 1013 17.81 -26.44 8.18
CA PHE A 1013 17.78 -26.33 9.62
C PHE A 1013 16.81 -27.36 10.16
N LEU A 1014 16.10 -28.02 9.26
CA LEU A 1014 15.16 -29.05 9.67
C LEU A 1014 15.82 -30.41 9.73
N GLU A 1015 17.14 -30.44 9.78
CA GLU A 1015 17.85 -31.70 9.75
C GLU A 1015 18.78 -31.88 10.95
N GLY A 1016 19.35 -33.07 11.06
CA GLY A 1016 20.12 -33.45 12.23
C GLY A 1016 19.13 -33.83 13.29
N ASP A 1017 19.58 -34.52 14.33
CA ASP A 1017 18.67 -34.85 15.42
C ASP A 1017 19.18 -34.31 16.74
N THR A 1018 20.22 -33.51 16.67
CA THR A 1018 20.66 -32.72 17.81
C THR A 1018 20.96 -31.30 17.35
N LEU A 1019 21.15 -30.39 18.29
CA LEU A 1019 21.43 -29.02 17.91
C LEU A 1019 22.65 -28.93 17.00
N GLU A 1020 23.82 -29.21 17.56
CA GLU A 1020 25.07 -29.25 16.81
C GLU A 1020 24.97 -30.15 15.59
N GLY A 1021 24.04 -31.09 15.63
CA GLY A 1021 23.76 -31.92 14.48
C GLY A 1021 23.07 -31.08 13.41
N CYS A 1022 22.19 -30.22 13.86
CA CYS A 1022 21.50 -29.27 12.98
C CYS A 1022 22.48 -28.36 12.25
N TYR A 1023 23.44 -27.80 12.98
CA TYR A 1023 24.40 -26.88 12.40
C TYR A 1023 25.37 -27.62 11.49
N SER A 1024 25.49 -28.93 11.74
CA SER A 1024 26.36 -29.76 10.94
C SER A 1024 25.84 -29.84 9.53
N ALA A 1025 24.55 -30.16 9.42
CA ALA A 1025 23.89 -30.31 8.13
C ALA A 1025 23.91 -28.99 7.38
N VAL A 1026 23.67 -27.91 8.12
CA VAL A 1026 23.67 -26.57 7.57
C VAL A 1026 25.05 -26.10 7.15
N ALA A 1027 26.10 -26.53 7.83
CA ALA A 1027 27.45 -26.15 7.43
C ALA A 1027 27.87 -26.77 6.10
N SER A 1028 27.50 -28.03 5.90
CA SER A 1028 27.83 -28.75 4.68
C SER A 1028 27.42 -27.94 3.46
N VAL A 1029 26.22 -27.40 3.51
CA VAL A 1029 25.70 -26.56 2.45
C VAL A 1029 26.53 -25.27 2.33
N CYS A 1030 26.93 -24.73 3.46
CA CYS A 1030 27.72 -23.51 3.49
C CYS A 1030 29.01 -23.74 2.76
N ASN A 1031 29.55 -24.93 2.95
CA ASN A 1031 30.85 -25.24 2.43
C ASN A 1031 30.79 -25.44 0.92
N ARG A 1032 29.72 -26.04 0.42
CA ARG A 1032 29.58 -26.15 -1.03
C ARG A 1032 29.56 -24.77 -1.69
N TRP A 1033 28.95 -23.80 -1.03
CA TRP A 1033 28.81 -22.46 -1.57
C TRP A 1033 30.10 -21.66 -1.48
N LEU A 1034 30.80 -21.81 -0.38
CA LEU A 1034 32.11 -21.22 -0.23
C LEU A 1034 33.03 -21.75 -1.32
N ASP A 1035 32.97 -23.06 -1.54
CA ASP A 1035 33.77 -23.71 -2.55
C ASP A 1035 33.64 -22.97 -3.86
N VAL A 1036 32.42 -22.86 -4.37
CA VAL A 1036 32.14 -22.16 -5.62
C VAL A 1036 32.83 -20.80 -5.73
N LEU A 1037 32.98 -20.10 -4.61
CA LEU A 1037 33.51 -18.75 -4.65
C LEU A 1037 35.02 -18.73 -4.46
N ASP A 1038 35.50 -19.58 -3.55
CA ASP A 1038 36.93 -19.83 -3.45
C ASP A 1038 37.42 -20.39 -4.78
N SER A 1039 36.69 -21.35 -5.32
CA SER A 1039 36.97 -21.90 -6.63
C SER A 1039 37.01 -20.86 -7.75
N HIS A 1040 36.92 -19.59 -7.40
CA HIS A 1040 36.85 -18.50 -8.38
C HIS A 1040 35.86 -18.76 -9.50
N GLY A 1041 34.80 -19.51 -9.20
CA GLY A 1041 33.71 -19.70 -10.15
C GLY A 1041 34.00 -20.63 -11.30
N LEU A 1042 35.12 -21.34 -11.20
CA LEU A 1042 35.52 -22.27 -12.25
C LEU A 1042 34.53 -23.42 -12.33
N MET A 1043 33.84 -23.68 -11.24
CA MET A 1043 32.90 -24.80 -11.18
C MET A 1043 31.60 -24.51 -11.94
N LEU A 1044 31.46 -23.29 -12.44
CA LEU A 1044 30.17 -22.82 -12.90
C LEU A 1044 30.12 -22.52 -14.39
N GLU A 1045 29.09 -23.03 -15.05
CA GLU A 1045 28.78 -22.68 -16.41
C GLU A 1045 28.69 -21.17 -16.53
N ASP A 1046 28.97 -20.63 -17.71
CA ASP A 1046 28.99 -19.18 -17.88
C ASP A 1046 27.61 -18.52 -17.72
N GLU A 1047 26.56 -19.21 -18.11
CA GLU A 1047 25.22 -18.65 -18.04
C GLU A 1047 24.73 -18.68 -16.60
N ASP A 1048 25.17 -19.68 -15.85
CA ASP A 1048 24.82 -19.79 -14.44
C ASP A 1048 25.55 -18.77 -13.59
N LEU A 1049 26.85 -18.67 -13.82
CA LEU A 1049 27.70 -17.76 -13.09
C LEU A 1049 27.20 -16.36 -13.22
N VAL A 1050 26.95 -15.92 -14.44
CA VAL A 1050 26.52 -14.56 -14.69
C VAL A 1050 25.21 -14.23 -13.98
N SER A 1051 24.43 -15.24 -13.65
CA SER A 1051 23.21 -15.04 -12.88
C SER A 1051 23.49 -14.81 -11.40
N LEU A 1052 24.32 -15.68 -10.82
CA LEU A 1052 24.63 -15.68 -9.40
C LEU A 1052 25.34 -14.44 -8.88
N ILE A 1053 26.16 -13.82 -9.73
CA ILE A 1053 27.07 -12.78 -9.29
C ILE A 1053 26.49 -11.41 -9.56
N CYS A 1054 25.35 -11.40 -10.22
CA CYS A 1054 24.70 -10.14 -10.52
C CYS A 1054 24.19 -9.49 -9.25
N GLU A 1055 24.21 -8.17 -9.19
CA GLU A 1055 23.42 -7.44 -8.22
C GLU A 1055 22.52 -6.48 -8.97
N ASN A 1056 21.24 -6.53 -8.66
CA ASN A 1056 20.24 -5.70 -9.31
C ASN A 1056 19.75 -4.64 -8.33
N ARG A 1057 19.90 -3.37 -8.67
CA ARG A 1057 19.46 -2.30 -7.79
C ARG A 1057 18.61 -1.28 -8.52
N SER A 1058 17.40 -1.02 -8.03
CA SER A 1058 16.52 -0.04 -8.68
C SER A 1058 16.89 1.38 -8.31
N MET A 1059 17.08 2.23 -9.32
CA MET A 1059 17.20 3.66 -9.12
C MET A 1059 15.81 4.26 -9.02
N SER A 1060 15.55 4.99 -7.94
CA SER A 1060 14.18 5.44 -7.66
C SER A 1060 13.80 6.58 -8.57
N LYS A 1061 14.73 7.49 -8.77
CA LYS A 1061 14.54 8.58 -9.70
C LYS A 1061 15.37 8.40 -10.98
N THR A 1062 15.89 9.50 -11.47
CA THR A 1062 16.76 9.47 -12.63
C THR A 1062 18.17 9.77 -12.20
N LEU A 1063 19.12 9.35 -13.01
CA LEU A 1063 20.54 9.55 -12.70
C LEU A 1063 20.84 11.00 -12.33
N LYS A 1064 20.37 11.93 -13.16
CA LYS A 1064 20.61 13.35 -12.99
C LYS A 1064 20.23 13.87 -11.61
N GLU A 1065 19.21 13.27 -11.01
CA GLU A 1065 18.69 13.76 -9.73
C GLU A 1065 19.50 13.25 -8.57
N TYR A 1066 20.64 12.65 -8.85
CA TYR A 1066 21.52 12.16 -7.79
C TYR A 1066 22.85 12.92 -7.74
N GLU A 1067 23.02 13.87 -8.65
CA GLU A 1067 24.30 14.55 -8.84
C GLU A 1067 24.95 14.96 -7.53
N GLY A 1068 26.18 14.49 -7.33
CA GLY A 1068 26.92 14.72 -6.11
C GLY A 1068 26.81 13.55 -5.16
N GLN A 1069 26.33 12.43 -5.68
CA GLN A 1069 26.17 11.24 -4.86
C GLN A 1069 26.88 10.07 -5.51
N LYS A 1070 27.49 9.23 -4.69
CA LYS A 1070 28.28 8.10 -5.19
C LYS A 1070 27.66 6.77 -4.79
N SER A 1071 27.39 5.92 -5.77
CA SER A 1071 26.78 4.62 -5.51
C SER A 1071 27.08 3.66 -6.65
N THR A 1072 27.00 2.36 -6.37
CA THR A 1072 27.23 1.34 -7.39
C THR A 1072 26.13 1.38 -8.45
N SER A 1073 25.00 1.99 -8.12
CA SER A 1073 23.90 2.08 -9.07
C SER A 1073 24.14 3.23 -10.02
N ILE A 1074 24.62 4.32 -9.45
CA ILE A 1074 24.94 5.52 -10.21
C ILE A 1074 25.99 5.21 -11.27
N THR A 1075 27.13 4.70 -10.81
CA THR A 1075 28.24 4.34 -11.68
C THR A 1075 27.78 3.43 -12.80
N THR A 1076 27.15 2.33 -12.43
CA THR A 1076 26.61 1.39 -13.40
C THR A 1076 25.70 2.08 -14.40
N ALA A 1077 24.86 2.98 -13.90
CA ALA A 1077 23.93 3.71 -14.74
C ALA A 1077 24.70 4.62 -15.68
N ARG A 1078 25.62 5.39 -15.10
CA ARG A 1078 26.52 6.24 -15.88
C ARG A 1078 27.07 5.46 -17.07
N ARG A 1079 27.82 4.42 -16.75
CA ARG A 1079 28.49 3.62 -17.76
C ARG A 1079 27.52 2.97 -18.72
N LEU A 1080 26.34 2.63 -18.24
CA LEU A 1080 25.33 2.03 -19.10
C LEU A 1080 24.83 3.06 -20.10
N GLY A 1081 25.09 4.33 -19.81
CA GLY A 1081 24.70 5.42 -20.67
C GLY A 1081 25.59 5.52 -21.90
N ASP A 1082 26.90 5.38 -21.66
CA ASP A 1082 27.89 5.51 -22.71
C ASP A 1082 27.97 4.27 -23.57
N PHE A 1083 27.94 3.12 -22.93
CA PHE A 1083 28.00 1.87 -23.65
C PHE A 1083 26.81 1.75 -24.59
N LEU A 1084 25.63 2.20 -24.15
CA LEU A 1084 24.43 2.00 -24.94
C LEU A 1084 23.71 3.27 -25.41
N GLY A 1085 24.03 4.41 -24.83
CA GLY A 1085 23.39 5.64 -25.24
C GLY A 1085 22.45 6.22 -24.19
N GLU A 1086 22.48 7.53 -24.01
CA GLU A 1086 21.75 8.20 -22.94
C GLU A 1086 20.25 7.94 -22.97
N ASP A 1087 19.76 7.39 -24.07
CA ASP A 1087 18.37 6.95 -24.13
C ASP A 1087 18.11 5.84 -23.10
N MET A 1088 19.19 5.29 -22.55
CA MET A 1088 19.08 4.18 -21.61
C MET A 1088 18.69 4.66 -20.23
N VAL A 1089 19.17 5.84 -19.84
CA VAL A 1089 18.93 6.30 -18.49
C VAL A 1089 18.03 7.55 -18.44
N LYS A 1090 17.13 7.68 -19.42
CA LYS A 1090 16.25 8.85 -19.48
C LYS A 1090 15.15 8.81 -18.41
N ASP A 1091 14.48 7.67 -18.29
CA ASP A 1091 13.36 7.53 -17.36
C ASP A 1091 13.75 7.15 -15.93
N LYS A 1092 12.75 7.09 -15.05
CA LYS A 1092 13.00 6.73 -13.66
C LYS A 1092 12.84 5.25 -13.48
N GLY A 1093 13.33 4.73 -12.36
CA GLY A 1093 13.12 3.35 -12.01
C GLY A 1093 14.04 2.40 -12.73
N LEU A 1094 15.21 2.90 -13.14
CA LEU A 1094 16.13 2.07 -13.92
C LEU A 1094 16.74 0.97 -13.08
N GLN A 1095 16.69 -0.24 -13.61
CA GLN A 1095 17.26 -1.40 -12.97
C GLN A 1095 18.71 -1.58 -13.35
N CYS A 1096 19.62 -1.20 -12.46
CA CYS A 1096 21.03 -1.30 -12.74
C CYS A 1096 21.57 -2.65 -12.35
N LYS A 1097 21.93 -3.48 -13.33
CA LYS A 1097 22.47 -4.81 -13.08
C LYS A 1097 23.96 -4.83 -13.30
N TYR A 1098 24.71 -5.08 -12.22
CA TYR A 1098 26.16 -4.91 -12.27
C TYR A 1098 26.99 -5.99 -11.54
N ILE A 1099 28.27 -6.05 -11.87
CA ILE A 1099 29.21 -6.85 -11.10
C ILE A 1099 30.30 -5.94 -10.60
N ILE A 1100 31.03 -6.40 -9.59
CA ILE A 1100 32.21 -5.69 -9.13
C ILE A 1100 33.44 -6.29 -9.79
N SER A 1101 34.46 -5.49 -10.01
CA SER A 1101 35.70 -5.99 -10.62
C SER A 1101 36.90 -5.71 -9.72
N SER A 1102 37.96 -6.51 -9.89
CA SER A 1102 39.17 -6.33 -9.11
C SER A 1102 39.84 -5.04 -9.56
N LYS A 1103 39.90 -4.89 -10.87
CA LYS A 1103 40.51 -3.72 -11.47
C LYS A 1103 39.44 -2.70 -11.76
N PRO A 1104 39.79 -1.41 -11.69
CA PRO A 1104 41.10 -0.97 -11.20
C PRO A 1104 41.26 -1.33 -9.75
N PHE A 1105 42.47 -1.74 -9.36
CA PHE A 1105 42.81 -1.93 -7.97
C PHE A 1105 42.49 -0.67 -7.18
N ASN A 1106 42.37 -0.79 -5.87
CA ASN A 1106 42.35 0.36 -4.96
C ASN A 1106 41.13 1.27 -5.10
N ALA A 1107 40.66 1.45 -6.32
CA ALA A 1107 39.44 2.22 -6.57
C ALA A 1107 38.30 1.78 -5.65
N PRO A 1108 37.65 2.76 -4.99
CA PRO A 1108 36.56 2.48 -4.05
C PRO A 1108 35.50 1.66 -4.73
N VAL A 1109 34.70 0.96 -3.94
CA VAL A 1109 33.76 -0.02 -4.47
C VAL A 1109 32.82 0.60 -5.48
N THR A 1110 32.42 1.84 -5.25
CA THR A 1110 31.45 2.50 -6.11
C THR A 1110 32.04 2.78 -7.48
N GLU A 1111 33.34 2.54 -7.62
CA GLU A 1111 34.04 2.84 -8.86
C GLU A 1111 34.19 1.63 -9.76
N ARG A 1112 33.99 0.44 -9.19
CA ARG A 1112 34.27 -0.78 -9.94
C ARG A 1112 33.03 -1.56 -10.32
N ALA A 1113 31.97 -0.84 -10.66
CA ALA A 1113 30.70 -1.48 -11.00
C ALA A 1113 30.52 -1.57 -12.51
N ILE A 1114 30.39 -2.79 -13.02
CA ILE A 1114 30.32 -2.97 -14.46
C ILE A 1114 29.01 -3.60 -14.94
N PRO A 1115 28.34 -2.92 -15.86
CA PRO A 1115 27.09 -3.39 -16.46
C PRO A 1115 27.21 -4.75 -17.11
N VAL A 1116 26.68 -5.77 -16.47
CA VAL A 1116 26.63 -7.11 -17.03
C VAL A 1116 26.26 -7.18 -18.52
N ALA A 1117 25.67 -6.12 -19.03
CA ALA A 1117 25.23 -6.11 -20.42
C ALA A 1117 26.41 -6.12 -21.37
N ILE A 1118 27.56 -5.60 -20.93
CA ILE A 1118 28.75 -5.59 -21.74
C ILE A 1118 29.13 -6.99 -22.28
N PHE A 1119 29.10 -7.99 -21.41
CA PHE A 1119 29.52 -9.34 -21.79
C PHE A 1119 28.54 -10.00 -22.74
N SER A 1120 27.55 -9.24 -23.19
CA SER A 1120 26.63 -9.73 -24.20
C SER A 1120 26.79 -8.90 -25.46
N ALA A 1121 27.59 -7.84 -25.36
CA ALA A 1121 27.93 -7.03 -26.52
C ALA A 1121 28.83 -7.82 -27.47
N ASP A 1122 28.86 -7.41 -28.73
CA ASP A 1122 29.80 -8.01 -29.67
C ASP A 1122 31.18 -7.49 -29.33
N ILE A 1123 32.19 -8.34 -29.55
CA ILE A 1123 33.49 -8.20 -28.91
C ILE A 1123 34.10 -6.79 -28.98
N PRO A 1124 34.36 -6.28 -30.19
CA PRO A 1124 34.98 -4.96 -30.40
C PRO A 1124 34.44 -3.91 -29.43
N ILE A 1125 33.14 -4.03 -29.15
CA ILE A 1125 32.41 -3.15 -28.25
C ILE A 1125 32.81 -3.35 -26.79
N LYS A 1126 32.88 -4.61 -26.39
CA LYS A 1126 33.17 -4.99 -25.03
C LYS A 1126 34.56 -4.56 -24.61
N ARG A 1127 35.49 -4.67 -25.57
CA ARG A 1127 36.87 -4.27 -25.40
C ARG A 1127 37.01 -2.87 -24.81
N SER A 1128 36.66 -1.90 -25.65
CA SER A 1128 36.88 -0.49 -25.38
C SER A 1128 36.50 -0.07 -23.97
N PHE A 1129 35.35 -0.55 -23.51
CA PHE A 1129 34.82 -0.12 -22.22
C PHE A 1129 35.44 -0.88 -21.06
N LEU A 1130 35.54 -2.20 -21.21
CA LEU A 1130 36.27 -3.02 -20.26
C LEU A 1130 37.64 -2.39 -20.05
N ARG A 1131 38.31 -2.07 -21.15
CA ARG A 1131 39.58 -1.35 -21.12
C ARG A 1131 39.40 -0.01 -20.46
N ARG A 1132 38.29 0.64 -20.78
CA ARG A 1132 37.99 1.96 -20.25
C ARG A 1132 37.72 1.89 -18.74
N TRP A 1133 36.99 0.86 -18.32
CA TRP A 1133 36.56 0.75 -16.94
C TRP A 1133 37.62 0.10 -16.04
N THR A 1134 38.33 -0.88 -16.58
CA THR A 1134 39.38 -1.55 -15.81
C THR A 1134 40.58 -0.63 -15.60
N LEU A 1135 40.69 0.40 -16.43
CA LEU A 1135 41.75 1.39 -16.27
C LEU A 1135 43.10 0.73 -16.53
N ASP A 1136 43.11 -0.27 -17.39
CA ASP A 1136 44.33 -0.92 -17.81
C ASP A 1136 44.18 -1.30 -19.28
N PRO A 1137 44.88 -0.57 -20.16
CA PRO A 1137 44.70 -0.56 -21.62
C PRO A 1137 45.11 -1.87 -22.27
N SER A 1138 46.21 -2.41 -21.75
CA SER A 1138 46.82 -3.63 -22.23
C SER A 1138 45.85 -4.78 -22.41
N LEU A 1139 44.86 -4.85 -21.52
CA LEU A 1139 44.06 -6.04 -21.33
C LEU A 1139 43.35 -6.50 -22.61
N GLU A 1140 43.32 -7.81 -22.82
CA GLU A 1140 42.70 -8.39 -24.01
C GLU A 1140 41.91 -9.64 -23.66
N ASP A 1141 41.89 -10.01 -22.38
CA ASP A 1141 41.03 -11.09 -21.94
C ASP A 1141 39.66 -10.54 -21.56
N LEU A 1142 38.62 -11.29 -21.89
CA LEU A 1142 37.24 -10.81 -21.77
C LEU A 1142 36.34 -11.79 -21.01
N ASP A 1143 36.93 -12.83 -20.43
CA ASP A 1143 36.17 -13.75 -19.60
C ASP A 1143 35.75 -13.02 -18.34
N ILE A 1144 34.48 -13.13 -17.99
CA ILE A 1144 33.95 -12.40 -16.86
C ILE A 1144 34.66 -12.83 -15.61
N ARG A 1145 35.22 -14.03 -15.64
CA ARG A 1145 35.92 -14.57 -14.49
C ARG A 1145 37.17 -13.78 -14.19
N THR A 1146 37.86 -13.33 -15.22
CA THR A 1146 39.11 -12.61 -15.02
C THR A 1146 38.82 -11.29 -14.30
N ILE A 1147 37.62 -10.77 -14.54
CA ILE A 1147 37.21 -9.47 -14.06
C ILE A 1147 36.76 -9.42 -12.60
N ILE A 1148 35.98 -10.40 -12.19
CA ILE A 1148 35.30 -10.38 -10.91
C ILE A 1148 36.22 -10.26 -9.70
N ASP A 1149 35.85 -9.35 -8.80
CA ASP A 1149 36.51 -9.25 -7.51
C ASP A 1149 35.94 -10.29 -6.58
N TRP A 1150 36.43 -11.52 -6.69
CA TRP A 1150 35.96 -12.62 -5.86
C TRP A 1150 36.15 -12.40 -4.37
N GLY A 1151 37.06 -11.51 -4.00
CA GLY A 1151 37.31 -11.28 -2.59
C GLY A 1151 36.17 -10.50 -2.01
N TYR A 1152 35.53 -9.74 -2.88
CA TYR A 1152 34.33 -8.98 -2.55
C TYR A 1152 33.22 -9.92 -2.20
N TYR A 1153 32.97 -10.85 -3.11
CA TYR A 1153 31.87 -11.78 -2.97
C TYR A 1153 32.11 -12.85 -1.91
N ARG A 1154 33.33 -13.34 -1.77
CA ARG A 1154 33.61 -14.29 -0.70
C ARG A 1154 33.27 -13.66 0.63
N GLU A 1155 33.35 -12.34 0.70
CA GLU A 1155 33.23 -11.70 1.97
C GLU A 1155 31.78 -11.40 2.28
N ARG A 1156 31.03 -11.03 1.25
CA ARG A 1156 29.61 -10.79 1.42
C ARG A 1156 28.90 -12.11 1.67
N LEU A 1157 29.42 -13.18 1.10
CA LEU A 1157 28.91 -14.51 1.40
C LEU A 1157 29.32 -14.93 2.80
N GLY A 1158 30.38 -14.34 3.30
CA GLY A 1158 30.85 -14.70 4.62
C GLY A 1158 30.10 -14.01 5.72
N SER A 1159 29.72 -12.75 5.49
CA SER A 1159 28.91 -12.01 6.45
C SER A 1159 27.56 -12.70 6.66
N ALA A 1160 26.99 -13.24 5.60
CA ALA A 1160 25.70 -13.92 5.69
C ALA A 1160 25.80 -15.21 6.49
N ILE A 1161 26.84 -15.98 6.23
CA ILE A 1161 27.06 -17.22 6.92
C ILE A 1161 27.25 -16.96 8.40
N GLN A 1162 27.86 -15.82 8.69
CA GLN A 1162 28.12 -15.41 10.05
C GLN A 1162 26.84 -15.08 10.80
N LYS A 1163 26.02 -14.21 10.21
CA LYS A 1163 24.81 -13.73 10.84
C LYS A 1163 23.76 -14.83 10.94
N ILE A 1164 23.73 -15.71 9.96
CA ILE A 1164 22.68 -16.71 9.90
C ILE A 1164 23.07 -18.03 10.56
N ILE A 1165 24.36 -18.37 10.55
CA ILE A 1165 24.74 -19.68 11.08
C ILE A 1165 25.78 -19.64 12.22
N THR A 1166 26.99 -19.19 11.93
CA THR A 1166 28.05 -19.37 12.90
C THR A 1166 27.84 -18.55 14.18
N ILE A 1167 27.52 -17.27 14.05
CA ILE A 1167 27.35 -16.46 15.26
C ILE A 1167 26.09 -16.85 16.05
N PRO A 1168 25.00 -17.21 15.37
CA PRO A 1168 23.92 -17.76 16.18
C PRO A 1168 24.32 -19.09 16.81
N ALA A 1169 25.09 -19.89 16.09
CA ALA A 1169 25.57 -21.16 16.63
C ALA A 1169 26.33 -20.94 17.93
N ALA A 1170 27.19 -19.94 17.93
CA ALA A 1170 27.92 -19.58 19.14
C ALA A 1170 26.97 -19.35 20.30
N LEU A 1171 26.10 -18.34 20.17
CA LEU A 1171 25.20 -17.97 21.26
C LEU A 1171 24.43 -19.13 21.84
N GLN A 1172 24.54 -20.32 21.26
CA GLN A 1172 23.92 -21.52 21.81
C GLN A 1172 24.95 -22.57 22.20
N GLY A 1173 26.18 -22.12 22.49
CA GLY A 1173 27.22 -23.00 22.98
C GLY A 1173 27.75 -24.00 21.98
N VAL A 1174 27.62 -23.69 20.70
CA VAL A 1174 28.07 -24.57 19.63
C VAL A 1174 29.27 -23.99 18.92
N SER A 1175 30.36 -24.75 18.89
CA SER A 1175 31.60 -24.29 18.27
C SER A 1175 31.36 -23.97 16.82
N ASN A 1176 32.22 -23.12 16.26
CA ASN A 1176 32.04 -22.66 14.90
C ASN A 1176 31.87 -23.83 13.95
N PRO A 1177 30.64 -24.03 13.44
CA PRO A 1177 30.37 -25.14 12.54
C PRO A 1177 30.88 -24.89 11.13
N VAL A 1178 31.32 -23.67 10.83
CA VAL A 1178 31.91 -23.37 9.53
C VAL A 1178 33.20 -22.58 9.74
N PRO A 1179 34.25 -23.31 10.12
CA PRO A 1179 35.55 -22.75 10.48
C PRO A 1179 36.21 -21.99 9.35
N ARG A 1180 35.79 -22.28 8.12
CA ARG A 1180 36.32 -21.56 6.97
C ARG A 1180 35.80 -20.13 6.99
N VAL A 1181 34.83 -19.87 7.86
CA VAL A 1181 34.40 -18.51 8.18
C VAL A 1181 34.74 -18.21 9.63
N GLU A 1182 35.73 -17.36 9.81
CA GLU A 1182 36.29 -17.08 11.12
C GLU A 1182 35.45 -16.09 11.91
N HIS A 1183 35.23 -16.41 13.17
CA HIS A 1183 34.55 -15.52 14.11
C HIS A 1183 35.11 -14.12 14.13
N PRO A 1184 34.33 -13.18 14.65
CA PRO A 1184 34.88 -11.85 14.89
C PRO A 1184 35.73 -11.88 16.15
N ASP A 1185 36.74 -11.01 16.22
CA ASP A 1185 37.64 -11.02 17.37
C ASP A 1185 36.85 -10.93 18.66
N TRP A 1186 35.87 -10.03 18.68
CA TRP A 1186 35.11 -9.80 19.89
C TRP A 1186 34.46 -11.07 20.35
N LEU A 1187 34.16 -11.96 19.41
CA LEU A 1187 33.48 -13.20 19.73
C LEU A 1187 34.50 -14.27 20.07
N LYS A 1188 35.68 -14.16 19.46
CA LYS A 1188 36.82 -14.97 19.85
C LYS A 1188 37.17 -14.67 21.30
N ARG A 1189 37.33 -13.40 21.61
CA ARG A 1189 37.66 -12.96 22.95
C ARG A 1189 36.66 -13.46 23.99
N LYS A 1190 35.39 -13.40 23.66
CA LYS A 1190 34.35 -13.87 24.56
C LYS A 1190 34.50 -15.37 24.78
N ILE A 1191 35.36 -15.99 23.97
CA ILE A 1191 35.70 -17.39 24.13
C ILE A 1191 36.96 -17.52 24.96
N ALA A 1192 36.78 -17.52 26.29
CA ALA A 1192 37.84 -17.54 27.30
C ALA A 1192 37.37 -16.74 28.51
#